data_4IG9
#
_entry.id   4IG9
#
_cell.length_a   115.781
_cell.length_b   115.781
_cell.length_c   350.511
_cell.angle_alpha   90.00
_cell.angle_beta   90.00
_cell.angle_gamma   90.00
#
_symmetry.space_group_name_H-M   'P 43 21 2'
#
loop_
_entity.id
_entity.type
_entity.pdbx_description
1 polymer 'NAD-dependent protein deacetylase sirtuin-1'
2 polymer 'NAD-dependent protein deacetylase sirtuin-1'
3 non-polymer 'ZINC ION'
4 water water
#
loop_
_entity_poly.entity_id
_entity_poly.type
_entity_poly.pdbx_seq_one_letter_code
_entity_poly.pdbx_strand_id
1 'polypeptide(L)'
;GPHMRKKRKDINTIEDAVKLLQECKKIIVLTGAGVSVSCGIPDFRSRDGIYARLAVDFPDLPDPQAMFDIEYFRKDPRPF
FKFAKEIYPGQFQPSLCHKFIALSDKEGKLLRNYTQNIDTLEQVAGIQRIIQCHGSFATASCLICKYKVDCEAVRGDIFN
QVVPRCPRCPADEPLAIMKPEIVFFGENLPEQFHRAMKYDKDEVDLLIVIGSSLKVRPVALIPSSIPHEVPQILINREPL
PHLHFDVELLGDCDVIINELCHRLGGEYAKLCCNPVKLSEI
;
A,C,E,G
2 'polypeptide(L)' GPHMGSQYLFLPPNRYIFHGAEVYSDSEDDV B,D,F,H
#
loop_
_chem_comp.id
_chem_comp.type
_chem_comp.name
_chem_comp.formula
ZN non-polymer 'ZINC ION' 'Zn 2'
#
# COMPACT_ATOMS: atom_id res chain seq x y z
N MET A 4 20.56 6.51 -2.29
CA MET A 4 19.45 5.59 -2.09
C MET A 4 18.19 6.31 -1.63
N ARG A 5 17.05 5.89 -2.17
CA ARG A 5 15.77 6.55 -1.88
C ARG A 5 15.17 6.12 -0.54
N LYS A 6 14.80 7.08 0.29
CA LYS A 6 14.10 6.80 1.52
C LYS A 6 12.59 6.91 1.30
N LYS A 7 11.84 6.03 1.94
CA LYS A 7 10.39 6.00 1.80
C LYS A 7 9.73 7.25 2.37
N ARG A 8 8.85 7.86 1.58
CA ARG A 8 8.12 9.03 2.03
C ARG A 8 7.12 8.66 3.13
N LYS A 9 7.21 9.36 4.26
CA LYS A 9 6.39 9.05 5.42
C LYS A 9 4.95 9.53 5.28
N ASP A 10 4.71 10.46 4.36
CA ASP A 10 3.39 11.07 4.21
C ASP A 10 2.54 10.40 3.14
N ILE A 11 3.05 9.32 2.55
CA ILE A 11 2.30 8.56 1.56
C ILE A 11 2.30 7.07 1.91
N ASN A 12 1.14 6.57 2.34
CA ASN A 12 1.07 5.22 2.91
C ASN A 12 -0.14 4.39 2.48
N THR A 13 -1.30 5.03 2.41
CA THR A 13 -2.55 4.29 2.25
C THR A 13 -2.95 4.09 0.80
N ILE A 14 -3.92 3.20 0.59
CA ILE A 14 -4.47 2.98 -0.74
C ILE A 14 -5.31 4.19 -1.14
N GLU A 15 -5.79 4.93 -0.15
CA GLU A 15 -6.49 6.18 -0.42
C GLU A 15 -5.50 7.22 -0.93
N ASP A 16 -4.30 7.21 -0.36
CA ASP A 16 -3.22 8.09 -0.81
C ASP A 16 -2.86 7.79 -2.26
N ALA A 17 -2.78 6.49 -2.59
CA ALA A 17 -2.44 6.08 -3.95
C ALA A 17 -3.53 6.47 -4.93
N VAL A 18 -4.78 6.35 -4.50
CA VAL A 18 -5.92 6.72 -5.34
C VAL A 18 -5.91 8.22 -5.62
N LYS A 19 -5.63 9.03 -4.60
N LYS A 19 -5.62 9.03 -4.61
CA LYS A 19 -5.53 10.48 -4.78
CA LYS A 19 -5.53 10.48 -4.78
C LYS A 19 -4.39 10.84 -5.73
C LYS A 19 -4.38 10.86 -5.70
N LEU A 20 -3.25 10.17 -5.56
CA LEU A 20 -2.10 10.40 -6.44
C LEU A 20 -2.44 10.07 -7.89
N LEU A 21 -3.14 8.94 -8.07
CA LEU A 21 -3.59 8.53 -9.39
C LEU A 21 -4.55 9.54 -10.02
N GLN A 22 -5.23 10.29 -9.17
CA GLN A 22 -6.19 11.30 -9.64
C GLN A 22 -5.52 12.64 -9.96
N GLU A 23 -4.50 12.98 -9.18
CA GLU A 23 -3.88 14.30 -9.28
C GLU A 23 -2.65 14.34 -10.20
N CYS A 24 -1.86 13.28 -10.19
CA CYS A 24 -0.66 13.21 -11.02
C CYS A 24 -1.01 13.10 -12.50
N LYS A 25 -0.22 13.76 -13.34
CA LYS A 25 -0.54 13.84 -14.77
C LYS A 25 0.60 13.37 -15.68
N LYS A 26 1.71 12.94 -15.07
CA LYS A 26 2.83 12.39 -15.83
C LYS A 26 3.33 11.11 -15.17
N ILE A 27 2.53 10.06 -15.29
CA ILE A 27 2.79 8.80 -14.60
C ILE A 27 3.70 7.88 -15.41
N ILE A 28 4.67 7.27 -14.74
CA ILE A 28 5.46 6.21 -15.34
C ILE A 28 5.05 4.87 -14.75
N VAL A 29 4.68 3.94 -15.63
CA VAL A 29 4.28 2.61 -15.18
C VAL A 29 5.30 1.55 -15.62
N LEU A 30 5.87 0.86 -14.65
CA LEU A 30 6.77 -0.25 -14.91
C LEU A 30 6.00 -1.55 -14.80
N THR A 31 5.92 -2.30 -15.90
CA THR A 31 5.19 -3.56 -15.89
C THR A 31 6.09 -4.75 -16.19
N GLY A 32 5.83 -5.86 -15.50
CA GLY A 32 6.56 -7.09 -15.72
C GLY A 32 5.62 -8.20 -16.19
N ALA A 33 6.00 -9.44 -15.91
CA ALA A 33 5.24 -10.60 -16.36
C ALA A 33 3.87 -10.70 -15.70
N GLY A 34 3.71 -10.00 -14.58
CA GLY A 34 2.49 -10.09 -13.80
C GLY A 34 1.23 -9.56 -14.46
N VAL A 35 1.40 -8.70 -15.46
CA VAL A 35 0.26 -8.11 -16.15
C VAL A 35 -0.21 -8.97 -17.32
N SER A 36 0.44 -10.12 -17.52
CA SER A 36 0.11 -10.98 -18.65
C SER A 36 -0.26 -12.41 -18.22
N VAL A 37 -0.13 -12.70 -16.93
CA VAL A 37 -0.33 -14.06 -16.41
C VAL A 37 -1.74 -14.60 -16.63
N SER A 38 -2.71 -13.70 -16.84
CA SER A 38 -4.09 -14.12 -17.02
C SER A 38 -4.48 -14.19 -18.49
N CYS A 39 -3.57 -13.78 -19.36
CA CYS A 39 -3.85 -13.74 -20.80
C CYS A 39 -3.79 -15.12 -21.44
N GLY A 40 -3.36 -16.11 -20.68
CA GLY A 40 -3.31 -17.48 -21.15
C GLY A 40 -2.15 -17.73 -22.09
N ILE A 41 -0.99 -17.18 -21.76
CA ILE A 41 0.20 -17.38 -22.58
C ILE A 41 1.11 -18.45 -21.98
N PRO A 42 1.36 -19.52 -22.75
CA PRO A 42 2.27 -20.58 -22.34
C PRO A 42 3.69 -20.05 -22.11
N ASP A 43 4.33 -20.50 -21.04
CA ASP A 43 5.67 -20.04 -20.68
C ASP A 43 6.70 -20.38 -21.75
N PHE A 44 7.81 -19.65 -21.75
CA PHE A 44 8.84 -19.82 -22.77
C PHE A 44 10.24 -19.64 -22.20
N ARG A 45 10.38 -19.82 -20.89
CA ARG A 45 11.67 -19.63 -20.25
C ARG A 45 12.12 -20.83 -19.43
N SER A 46 11.41 -21.95 -19.56
CA SER A 46 11.74 -23.15 -18.79
C SER A 46 11.12 -24.42 -19.37
N ARG A 47 11.24 -25.50 -18.61
CA ARG A 47 10.61 -26.78 -18.93
C ARG A 47 9.87 -27.26 -17.68
N ASP A 48 8.61 -27.66 -17.80
CA ASP A 48 7.90 -27.72 -19.08
C ASP A 48 7.41 -26.36 -19.56
N GLY A 49 7.74 -26.04 -20.81
CA GLY A 49 7.28 -24.83 -21.44
C GLY A 49 7.03 -25.08 -22.90
N ILE A 50 7.29 -24.08 -23.74
CA ILE A 50 7.18 -24.26 -25.18
C ILE A 50 8.38 -25.05 -25.70
N TYR A 51 9.45 -25.08 -24.89
CA TYR A 51 10.66 -25.81 -25.23
C TYR A 51 10.41 -27.30 -25.38
N ALA A 52 9.50 -27.83 -24.56
CA ALA A 52 9.19 -29.25 -24.58
C ALA A 52 8.61 -29.69 -25.91
N ARG A 53 7.67 -28.90 -26.44
CA ARG A 53 7.06 -29.21 -27.73
C ARG A 53 8.02 -28.94 -28.88
N LEU A 54 9.01 -28.08 -28.64
CA LEU A 54 9.99 -27.74 -29.65
C LEU A 54 11.16 -28.71 -29.68
N ALA A 55 11.32 -29.46 -28.60
CA ALA A 55 12.41 -30.43 -28.49
C ALA A 55 12.19 -31.61 -29.42
N VAL A 56 10.94 -32.00 -29.61
CA VAL A 56 10.61 -33.13 -30.48
C VAL A 56 10.70 -32.75 -31.96
N ASP A 57 10.54 -31.46 -32.24
CA ASP A 57 10.60 -30.96 -33.61
C ASP A 57 12.03 -30.54 -33.98
N PHE A 58 12.69 -29.84 -33.08
CA PHE A 58 14.06 -29.37 -33.31
C PHE A 58 14.99 -29.92 -32.24
N PRO A 59 15.56 -31.11 -32.49
CA PRO A 59 16.42 -31.81 -31.52
C PRO A 59 17.76 -31.11 -31.30
N ASP A 60 17.99 -29.99 -31.97
CA ASP A 60 19.26 -29.29 -31.87
C ASP A 60 19.27 -28.24 -30.74
N LEU A 61 18.09 -27.83 -30.31
CA LEU A 61 17.96 -26.86 -29.23
C LEU A 61 18.52 -27.38 -27.91
N PRO A 62 19.61 -26.77 -27.42
CA PRO A 62 20.21 -27.17 -26.14
C PRO A 62 19.40 -26.68 -24.94
N ASP A 63 18.84 -25.48 -25.04
CA ASP A 63 18.06 -24.89 -23.96
C ASP A 63 17.02 -23.92 -24.53
N PRO A 64 16.02 -23.55 -23.70
CA PRO A 64 15.02 -22.56 -24.15
C PRO A 64 15.66 -21.22 -24.54
N GLN A 65 16.78 -20.88 -23.90
CA GLN A 65 17.44 -19.61 -24.14
C GLN A 65 18.06 -19.52 -25.54
N ALA A 66 18.25 -20.67 -26.17
CA ALA A 66 18.92 -20.72 -27.48
C ALA A 66 18.13 -20.05 -28.60
N MET A 67 16.81 -20.00 -28.46
CA MET A 67 15.97 -19.38 -29.49
C MET A 67 16.06 -17.85 -29.41
N PHE A 68 16.71 -17.35 -28.36
CA PHE A 68 16.94 -15.92 -28.22
C PHE A 68 18.43 -15.59 -28.33
N ASP A 69 19.20 -16.51 -28.91
CA ASP A 69 20.62 -16.30 -29.15
C ASP A 69 20.85 -16.04 -30.63
N ILE A 70 21.52 -14.93 -30.94
CA ILE A 70 21.68 -14.50 -32.32
C ILE A 70 22.50 -15.48 -33.16
N GLU A 71 23.47 -16.14 -32.53
CA GLU A 71 24.32 -17.09 -33.24
C GLU A 71 23.55 -18.34 -33.65
N TYR A 72 22.72 -18.85 -32.75
CA TYR A 72 21.91 -20.02 -33.06
C TYR A 72 20.83 -19.65 -34.07
N PHE A 73 20.39 -18.40 -34.01
CA PHE A 73 19.34 -17.91 -34.91
C PHE A 73 19.82 -17.93 -36.36
N ARG A 74 21.09 -17.60 -36.57
CA ARG A 74 21.68 -17.62 -37.90
C ARG A 74 21.79 -19.04 -38.46
N LYS A 75 22.07 -19.99 -37.58
CA LYS A 75 22.16 -21.39 -37.99
C LYS A 75 20.79 -21.97 -38.31
N ASP A 76 19.84 -21.74 -37.42
CA ASP A 76 18.48 -22.27 -37.60
C ASP A 76 17.46 -21.38 -36.92
N PRO A 77 16.84 -20.47 -37.69
CA PRO A 77 15.87 -19.50 -37.17
C PRO A 77 14.47 -20.10 -37.02
N ARG A 78 14.28 -21.31 -37.54
CA ARG A 78 12.96 -21.95 -37.49
C ARG A 78 12.33 -22.12 -36.09
N PRO A 79 13.09 -22.61 -35.10
CA PRO A 79 12.44 -22.79 -33.79
C PRO A 79 11.98 -21.50 -33.15
N PHE A 80 12.66 -20.39 -33.43
CA PHE A 80 12.21 -19.09 -32.94
C PHE A 80 10.88 -18.70 -33.57
N PHE A 81 10.76 -18.93 -34.87
CA PHE A 81 9.56 -18.53 -35.61
C PHE A 81 8.36 -19.42 -35.31
N LYS A 82 8.60 -20.60 -34.74
CA LYS A 82 7.50 -21.44 -34.29
C LYS A 82 7.02 -20.90 -32.95
N PHE A 83 7.95 -20.34 -32.18
CA PHE A 83 7.61 -19.66 -30.94
C PHE A 83 6.91 -18.35 -31.25
N ALA A 84 7.40 -17.65 -32.28
CA ALA A 84 6.82 -16.39 -32.67
C ALA A 84 5.37 -16.56 -33.12
N LYS A 85 5.07 -17.71 -33.71
CA LYS A 85 3.72 -17.99 -34.17
C LYS A 85 2.77 -18.19 -33.00
N GLU A 86 3.28 -18.73 -31.90
CA GLU A 86 2.45 -19.05 -30.74
C GLU A 86 2.13 -17.84 -29.86
N ILE A 87 2.96 -16.80 -29.92
CA ILE A 87 2.80 -15.63 -29.06
C ILE A 87 2.42 -14.39 -29.85
N TYR A 88 2.35 -14.53 -31.17
CA TYR A 88 2.11 -13.40 -32.07
C TYR A 88 0.86 -12.61 -31.69
N PRO A 89 0.97 -11.27 -31.72
CA PRO A 89 -0.11 -10.32 -31.44
C PRO A 89 -1.42 -10.72 -32.10
N GLY A 90 -2.53 -10.55 -31.40
CA GLY A 90 -3.84 -10.88 -31.93
C GLY A 90 -4.34 -12.23 -31.48
N GLN A 91 -3.45 -13.04 -30.93
CA GLN A 91 -3.81 -14.37 -30.46
C GLN A 91 -4.29 -14.36 -29.02
N PHE A 92 -3.88 -13.34 -28.27
CA PHE A 92 -4.27 -13.25 -26.87
C PHE A 92 -4.85 -11.88 -26.54
N GLN A 93 -5.78 -11.85 -25.59
CA GLN A 93 -6.40 -10.61 -25.17
C GLN A 93 -5.58 -9.95 -24.05
N PRO A 94 -5.34 -8.64 -24.18
CA PRO A 94 -4.67 -7.86 -23.14
C PRO A 94 -5.45 -7.95 -21.83
N SER A 95 -4.74 -8.00 -20.70
CA SER A 95 -5.39 -8.11 -19.41
C SER A 95 -5.99 -6.77 -18.97
N LEU A 96 -6.59 -6.76 -17.78
CA LEU A 96 -7.17 -5.56 -17.22
C LEU A 96 -6.09 -4.50 -16.96
N CYS A 97 -4.89 -4.96 -16.60
CA CYS A 97 -3.78 -4.07 -16.35
C CYS A 97 -3.41 -3.29 -17.60
N HIS A 98 -3.42 -3.97 -18.75
CA HIS A 98 -3.12 -3.32 -20.01
C HIS A 98 -4.17 -2.27 -20.34
N LYS A 99 -5.44 -2.64 -20.15
CA LYS A 99 -6.55 -1.74 -20.43
C LYS A 99 -6.49 -0.50 -19.55
N PHE A 100 -6.09 -0.70 -18.30
CA PHE A 100 -5.93 0.40 -17.36
C PHE A 100 -4.86 1.38 -17.82
N ILE A 101 -3.72 0.84 -18.25
CA ILE A 101 -2.62 1.66 -18.75
C ILE A 101 -3.02 2.35 -20.05
N ALA A 102 -3.75 1.62 -20.90
CA ALA A 102 -4.21 2.17 -22.17
C ALA A 102 -5.16 3.34 -21.97
N LEU A 103 -6.04 3.23 -20.98
CA LEU A 103 -6.99 4.30 -20.69
C LEU A 103 -6.28 5.52 -20.12
N SER A 104 -5.28 5.28 -19.28
N SER A 104 -5.29 5.28 -19.27
CA SER A 104 -4.51 6.35 -18.67
CA SER A 104 -4.52 6.37 -18.67
C SER A 104 -3.72 7.11 -19.73
C SER A 104 -3.72 7.11 -19.74
N ASP A 105 -3.39 6.42 -20.82
CA ASP A 105 -2.68 7.02 -21.94
C ASP A 105 -3.66 7.81 -22.81
N LYS A 106 -4.88 7.30 -22.92
CA LYS A 106 -5.92 7.97 -23.68
C LYS A 106 -6.31 9.29 -23.00
N GLU A 107 -6.29 9.29 -21.68
CA GLU A 107 -6.62 10.49 -20.90
C GLU A 107 -5.41 11.41 -20.74
N GLY A 108 -4.27 10.97 -21.26
CA GLY A 108 -3.06 11.80 -21.27
C GLY A 108 -2.28 11.82 -19.97
N LYS A 109 -2.59 10.91 -19.05
CA LYS A 109 -1.91 10.88 -17.76
C LYS A 109 -0.66 9.99 -17.77
N LEU A 110 -0.42 9.30 -18.88
CA LEU A 110 0.71 8.38 -18.95
C LEU A 110 1.93 9.02 -19.60
N LEU A 111 2.99 9.17 -18.82
CA LEU A 111 4.24 9.69 -19.35
C LEU A 111 4.94 8.61 -20.18
N ARG A 112 5.01 7.40 -19.62
CA ARG A 112 5.65 6.29 -20.30
C ARG A 112 5.35 4.96 -19.61
N ASN A 113 5.13 3.92 -20.42
CA ASN A 113 5.06 2.56 -19.90
C ASN A 113 6.30 1.77 -20.31
N TYR A 114 7.17 1.52 -19.35
CA TYR A 114 8.36 0.71 -19.57
C TYR A 114 8.08 -0.73 -19.20
N THR A 115 8.20 -1.63 -20.16
CA THR A 115 7.92 -3.04 -19.89
C THR A 115 9.08 -3.96 -20.23
N GLN A 116 9.07 -5.14 -19.62
CA GLN A 116 10.08 -6.16 -19.85
C GLN A 116 9.52 -7.22 -20.79
N ASN A 117 8.20 -7.23 -20.92
CA ASN A 117 7.51 -8.26 -21.70
C ASN A 117 7.73 -8.12 -23.20
N ILE A 118 7.71 -9.25 -23.90
CA ILE A 118 7.88 -9.24 -25.35
C ILE A 118 6.60 -9.74 -26.02
N ASP A 119 5.55 -9.93 -25.24
CA ASP A 119 4.29 -10.46 -25.74
C ASP A 119 3.51 -9.45 -26.60
N THR A 120 3.98 -8.20 -26.60
CA THR A 120 3.42 -7.13 -27.43
C THR A 120 1.94 -6.87 -27.20
N LEU A 121 1.45 -7.19 -26.00
CA LEU A 121 0.06 -6.98 -25.69
C LEU A 121 -0.27 -5.50 -25.50
N GLU A 122 0.77 -4.68 -25.32
CA GLU A 122 0.57 -3.24 -25.14
C GLU A 122 0.07 -2.58 -26.42
N GLN A 123 0.61 -3.00 -27.56
CA GLN A 123 0.17 -2.46 -28.85
C GLN A 123 -1.24 -2.90 -29.17
N VAL A 124 -1.56 -4.14 -28.81
CA VAL A 124 -2.89 -4.68 -29.04
C VAL A 124 -3.92 -3.93 -28.18
N ALA A 125 -3.52 -3.61 -26.96
CA ALA A 125 -4.39 -2.90 -26.02
C ALA A 125 -4.59 -1.43 -26.40
N GLY A 126 -3.73 -0.91 -27.27
CA GLY A 126 -3.86 0.46 -27.73
C GLY A 126 -3.03 1.45 -26.95
N ILE A 127 -2.05 0.94 -26.20
CA ILE A 127 -1.12 1.81 -25.50
C ILE A 127 -0.11 2.34 -26.50
N GLN A 128 0.02 3.66 -26.59
CA GLN A 128 0.88 4.27 -27.59
C GLN A 128 2.25 4.65 -27.04
N ARG A 129 2.26 5.22 -25.83
CA ARG A 129 3.52 5.64 -25.20
C ARG A 129 4.21 4.48 -24.50
N ILE A 130 4.71 3.52 -25.28
CA ILE A 130 5.37 2.34 -24.75
C ILE A 130 6.88 2.37 -24.99
N ILE A 131 7.61 1.69 -24.13
CA ILE A 131 9.02 1.41 -24.36
C ILE A 131 9.25 -0.06 -24.01
N GLN A 132 9.50 -0.87 -25.03
CA GLN A 132 9.77 -2.29 -24.82
C GLN A 132 11.28 -2.52 -24.73
N CYS A 133 11.77 -2.63 -23.51
CA CYS A 133 13.20 -2.69 -23.24
C CYS A 133 13.86 -3.97 -23.75
N HIS A 134 13.07 -5.05 -23.81
CA HIS A 134 13.57 -6.31 -24.36
C HIS A 134 13.04 -6.53 -25.76
N GLY A 135 12.49 -5.46 -26.34
CA GLY A 135 11.97 -5.51 -27.69
C GLY A 135 10.61 -6.15 -27.79
N SER A 136 10.09 -6.24 -29.01
CA SER A 136 8.77 -6.82 -29.23
C SER A 136 8.63 -7.30 -30.68
N PHE A 137 7.43 -7.78 -31.01
CA PHE A 137 7.11 -8.21 -32.36
C PHE A 137 6.46 -7.07 -33.14
N ALA A 138 6.55 -5.86 -32.60
CA ALA A 138 5.93 -4.70 -33.22
C ALA A 138 6.48 -4.45 -34.62
N THR A 139 7.78 -4.67 -34.79
CA THR A 139 8.43 -4.50 -36.07
C THR A 139 9.40 -5.63 -36.36
N ALA A 140 9.71 -5.84 -37.63
CA ALA A 140 10.71 -6.82 -38.04
C ALA A 140 11.78 -6.12 -38.86
N SER A 141 13.03 -6.58 -38.71
CA SER A 141 14.14 -5.95 -39.40
C SER A 141 15.11 -6.98 -39.99
N CYS A 142 15.53 -6.75 -41.22
CA CYS A 142 16.48 -7.63 -41.89
C CYS A 142 17.82 -7.65 -41.16
N LEU A 143 18.42 -8.82 -41.07
CA LEU A 143 19.69 -9.00 -40.36
C LEU A 143 20.85 -8.29 -41.03
N ILE A 144 20.72 -8.00 -42.32
CA ILE A 144 21.82 -7.43 -43.09
C ILE A 144 21.64 -5.95 -43.44
N CYS A 145 20.60 -5.65 -44.23
CA CYS A 145 20.40 -4.28 -44.71
C CYS A 145 19.55 -3.45 -43.76
N LYS A 146 19.10 -4.07 -42.67
CA LYS A 146 18.33 -3.39 -41.63
C LYS A 146 17.03 -2.75 -42.12
N TYR A 147 16.45 -3.29 -43.19
CA TYR A 147 15.16 -2.79 -43.68
C TYR A 147 14.06 -3.10 -42.68
N LYS A 148 13.22 -2.10 -42.40
CA LYS A 148 12.17 -2.24 -41.40
C LYS A 148 10.78 -2.42 -41.99
N VAL A 149 10.00 -3.33 -41.38
CA VAL A 149 8.61 -3.52 -41.77
C VAL A 149 7.71 -3.58 -40.54
N ASP A 150 6.41 -3.39 -40.75
CA ASP A 150 5.45 -3.43 -39.66
C ASP A 150 5.20 -4.87 -39.23
N CYS A 151 4.54 -5.04 -38.09
CA CYS A 151 4.20 -6.36 -37.56
C CYS A 151 3.37 -7.18 -38.54
N GLU A 152 2.52 -6.50 -39.29
CA GLU A 152 1.59 -7.18 -40.20
C GLU A 152 2.28 -7.70 -41.45
N ALA A 153 3.40 -7.07 -41.82
CA ALA A 153 4.08 -7.40 -43.07
C ALA A 153 4.73 -8.78 -43.07
N VAL A 154 4.88 -9.38 -41.89
CA VAL A 154 5.49 -10.70 -41.80
C VAL A 154 4.58 -11.70 -41.08
N ARG A 155 3.31 -11.34 -40.92
CA ARG A 155 2.34 -12.19 -40.25
C ARG A 155 2.03 -13.43 -41.08
N GLY A 156 1.89 -13.24 -42.38
CA GLY A 156 1.57 -14.34 -43.29
C GLY A 156 2.61 -15.43 -43.30
N ASP A 157 3.88 -15.06 -43.42
CA ASP A 157 4.97 -16.03 -43.44
C ASP A 157 5.09 -16.81 -42.13
N ILE A 158 5.07 -16.09 -41.01
CA ILE A 158 5.19 -16.71 -39.70
C ILE A 158 4.05 -17.69 -39.43
N PHE A 159 2.86 -17.35 -39.90
CA PHE A 159 1.68 -18.21 -39.72
C PHE A 159 1.81 -19.50 -40.53
N ASN A 160 2.42 -19.41 -41.71
CA ASN A 160 2.60 -20.57 -42.57
C ASN A 160 3.92 -21.28 -42.37
N GLN A 161 4.63 -20.92 -41.30
CA GLN A 161 5.91 -21.53 -40.94
C GLN A 161 6.98 -21.38 -42.02
N VAL A 162 6.83 -20.38 -42.88
CA VAL A 162 7.87 -20.03 -43.83
C VAL A 162 8.67 -18.88 -43.27
N VAL A 163 10.00 -19.06 -43.21
CA VAL A 163 10.90 -18.03 -42.70
C VAL A 163 10.80 -16.76 -43.53
N PRO A 164 10.32 -15.66 -42.90
CA PRO A 164 10.09 -14.39 -43.59
C PRO A 164 11.35 -13.80 -44.21
N ARG A 165 11.29 -13.52 -45.51
CA ARG A 165 12.45 -13.07 -46.25
C ARG A 165 12.46 -11.55 -46.46
N CYS A 166 13.64 -11.00 -46.70
CA CYS A 166 13.78 -9.58 -47.02
C CYS A 166 13.58 -9.35 -48.52
N PRO A 167 12.71 -8.39 -48.88
CA PRO A 167 12.40 -8.09 -50.28
C PRO A 167 13.47 -7.23 -50.96
N ARG A 168 14.31 -6.57 -50.17
CA ARG A 168 15.35 -5.69 -50.70
C ARG A 168 16.61 -6.47 -51.07
N CYS A 169 17.13 -7.23 -50.10
CA CYS A 169 18.34 -8.03 -50.30
C CYS A 169 18.15 -9.08 -51.40
N PRO A 170 19.25 -9.49 -52.04
CA PRO A 170 19.23 -10.54 -53.08
C PRO A 170 18.54 -11.81 -52.60
N ALA A 171 17.83 -12.47 -53.51
CA ALA A 171 17.08 -13.67 -53.16
C ALA A 171 17.99 -14.87 -52.87
N ASP A 172 19.24 -14.79 -53.32
CA ASP A 172 20.19 -15.86 -53.09
C ASP A 172 21.03 -15.63 -51.82
N GLU A 173 20.56 -14.71 -50.98
CA GLU A 173 21.24 -14.40 -49.73
C GLU A 173 20.64 -15.22 -48.59
N PRO A 174 21.49 -16.01 -47.91
CA PRO A 174 21.06 -16.93 -46.86
C PRO A 174 20.45 -16.22 -45.65
N LEU A 175 21.15 -15.23 -45.11
CA LEU A 175 20.73 -14.57 -43.88
C LEU A 175 19.88 -13.31 -44.12
N ALA A 176 19.31 -13.21 -45.31
CA ALA A 176 18.44 -12.07 -45.63
C ALA A 176 17.03 -12.33 -45.10
N ILE A 177 16.91 -12.41 -43.78
CA ILE A 177 15.66 -12.76 -43.14
C ILE A 177 15.18 -11.68 -42.16
N MET A 178 13.88 -11.41 -42.17
CA MET A 178 13.28 -10.40 -41.30
C MET A 178 13.14 -10.90 -39.86
N LYS A 179 14.01 -10.45 -38.98
CA LYS A 179 13.94 -10.81 -37.57
C LYS A 179 13.12 -9.78 -36.80
N PRO A 180 12.06 -10.23 -36.12
CA PRO A 180 11.26 -9.37 -35.25
C PRO A 180 12.16 -8.71 -34.21
N GLU A 181 11.93 -7.44 -33.92
CA GLU A 181 12.85 -6.69 -33.07
C GLU A 181 12.80 -7.06 -31.60
N ILE A 182 13.06 -8.34 -31.31
CA ILE A 182 13.26 -8.81 -29.95
C ILE A 182 14.74 -8.68 -29.62
N VAL A 183 15.05 -8.17 -28.44
CA VAL A 183 16.45 -8.04 -28.02
C VAL A 183 17.05 -9.39 -27.68
N PHE A 184 17.83 -9.95 -28.60
CA PHE A 184 18.50 -11.22 -28.37
C PHE A 184 19.67 -11.08 -27.41
N PHE A 185 20.20 -12.21 -26.95
CA PHE A 185 21.30 -12.22 -26.01
C PHE A 185 22.55 -11.56 -26.59
N GLY A 186 23.14 -10.66 -25.81
CA GLY A 186 24.35 -9.97 -26.24
C GLY A 186 24.06 -8.62 -26.87
N GLU A 187 22.93 -8.52 -27.56
CA GLU A 187 22.56 -7.28 -28.24
C GLU A 187 22.35 -6.13 -27.26
N ASN A 188 22.33 -4.91 -27.79
CA ASN A 188 22.24 -3.71 -26.96
C ASN A 188 20.83 -3.11 -26.95
N LEU A 189 20.52 -2.40 -25.87
CA LEU A 189 19.21 -1.76 -25.73
C LEU A 189 19.03 -0.66 -26.77
N PRO A 190 17.82 -0.54 -27.33
CA PRO A 190 17.51 0.49 -28.35
C PRO A 190 17.83 1.89 -27.85
N GLU A 191 18.27 2.76 -28.75
CA GLU A 191 18.63 4.12 -28.40
C GLU A 191 17.43 4.88 -27.83
N GLN A 192 16.25 4.54 -28.31
CA GLN A 192 15.02 5.18 -27.88
C GLN A 192 14.80 5.08 -26.38
N PHE A 193 15.20 3.96 -25.80
CA PHE A 193 15.03 3.75 -24.36
C PHE A 193 15.80 4.77 -23.52
N HIS A 194 17.09 4.93 -23.81
CA HIS A 194 17.94 5.76 -22.97
C HIS A 194 17.64 7.25 -23.10
N ARG A 195 17.21 7.69 -24.28
CA ARG A 195 16.81 9.07 -24.46
C ARG A 195 15.55 9.32 -23.64
N ALA A 196 14.63 8.37 -23.69
CA ALA A 196 13.38 8.48 -22.94
C ALA A 196 13.64 8.53 -21.45
N MET A 197 14.40 7.56 -20.93
CA MET A 197 14.68 7.50 -19.51
C MET A 197 15.45 8.72 -18.99
N LYS A 198 16.32 9.28 -19.83
CA LYS A 198 17.14 10.41 -19.43
C LYS A 198 16.29 11.63 -19.10
N TYR A 199 15.23 11.83 -19.88
CA TYR A 199 14.40 13.01 -19.73
C TYR A 199 13.06 12.76 -19.03
N ASP A 200 12.54 11.54 -19.14
CA ASP A 200 11.30 11.18 -18.44
C ASP A 200 11.50 11.22 -16.94
N LYS A 201 12.72 10.91 -16.49
CA LYS A 201 13.02 10.85 -15.07
C LYS A 201 12.87 12.23 -14.41
N ASP A 202 13.09 13.28 -15.18
CA ASP A 202 12.95 14.64 -14.69
C ASP A 202 11.59 15.20 -15.09
N GLU A 203 10.64 14.31 -15.34
CA GLU A 203 9.32 14.69 -15.84
C GLU A 203 8.22 13.93 -15.09
N VAL A 204 8.58 12.77 -14.56
CA VAL A 204 7.64 11.90 -13.85
C VAL A 204 7.21 12.49 -12.50
N ASP A 205 5.92 12.36 -12.18
CA ASP A 205 5.41 12.80 -10.88
C ASP A 205 4.85 11.63 -10.07
N LEU A 206 4.79 10.45 -10.70
CA LEU A 206 4.29 9.26 -10.04
C LEU A 206 4.83 8.00 -10.70
N LEU A 207 5.36 7.09 -9.90
CA LEU A 207 5.88 5.82 -10.41
C LEU A 207 5.06 4.64 -9.88
N ILE A 208 4.55 3.84 -10.81
CA ILE A 208 3.79 2.65 -10.44
C ILE A 208 4.42 1.39 -11.02
N VAL A 209 4.73 0.44 -10.15
CA VAL A 209 5.29 -0.83 -10.58
C VAL A 209 4.23 -1.92 -10.50
N ILE A 210 3.97 -2.58 -11.63
CA ILE A 210 2.94 -3.61 -11.67
C ILE A 210 3.49 -4.95 -12.15
N GLY A 211 3.54 -5.92 -11.25
CA GLY A 211 3.85 -7.29 -11.62
C GLY A 211 5.27 -7.56 -12.08
N SER A 212 6.24 -6.93 -11.42
CA SER A 212 7.64 -7.17 -11.71
C SER A 212 8.46 -7.29 -10.43
N SER A 213 9.41 -8.20 -10.43
CA SER A 213 10.31 -8.38 -9.29
C SER A 213 11.45 -7.38 -9.33
N LEU A 214 11.59 -6.69 -10.47
CA LEU A 214 12.62 -5.66 -10.65
C LEU A 214 14.01 -6.18 -10.33
N LYS A 215 14.34 -7.34 -10.89
CA LYS A 215 15.64 -7.96 -10.63
C LYS A 215 16.53 -7.96 -11.88
N VAL A 216 15.91 -7.76 -13.04
CA VAL A 216 16.64 -7.76 -14.30
C VAL A 216 16.72 -6.37 -14.93
N ARG A 217 17.87 -6.08 -15.53
CA ARG A 217 18.16 -4.79 -16.13
C ARG A 217 17.49 -4.69 -17.51
N PRO A 218 17.22 -3.46 -17.98
CA PRO A 218 17.49 -2.15 -17.37
C PRO A 218 16.33 -1.61 -16.55
N VAL A 219 15.18 -2.29 -16.60
CA VAL A 219 13.98 -1.84 -15.92
C VAL A 219 14.18 -1.77 -14.40
N ALA A 220 15.01 -2.67 -13.89
CA ALA A 220 15.28 -2.75 -12.46
C ALA A 220 15.96 -1.49 -11.92
N LEU A 221 16.67 -0.77 -12.80
CA LEU A 221 17.44 0.39 -12.38
C LEU A 221 16.62 1.67 -12.36
N ILE A 222 15.47 1.63 -13.02
CA ILE A 222 14.60 2.80 -13.15
C ILE A 222 14.11 3.43 -11.82
N PRO A 223 13.64 2.62 -10.87
CA PRO A 223 13.13 3.24 -9.64
C PRO A 223 14.18 4.01 -8.83
N SER A 224 15.44 3.68 -9.02
N SER A 224 15.44 3.68 -9.02
CA SER A 224 16.52 4.31 -8.26
CA SER A 224 16.52 4.31 -8.26
C SER A 224 17.09 5.53 -8.99
C SER A 224 17.12 5.51 -8.99
N SER A 225 16.70 5.72 -10.23
CA SER A 225 17.23 6.81 -11.05
C SER A 225 16.34 8.06 -11.08
N ILE A 226 15.12 7.94 -10.57
CA ILE A 226 14.21 9.08 -10.51
C ILE A 226 14.35 9.80 -9.17
N PRO A 227 14.05 11.12 -9.13
CA PRO A 227 14.14 11.91 -7.90
C PRO A 227 13.42 11.26 -6.72
N HIS A 228 14.01 11.37 -5.53
CA HIS A 228 13.50 10.68 -4.34
C HIS A 228 12.12 11.15 -3.90
N GLU A 229 11.77 12.39 -4.23
CA GLU A 229 10.49 12.96 -3.80
C GLU A 229 9.29 12.39 -4.56
N VAL A 230 9.55 11.78 -5.71
CA VAL A 230 8.49 11.19 -6.52
C VAL A 230 7.93 9.93 -5.84
N PRO A 231 6.61 9.90 -5.64
CA PRO A 231 5.94 8.75 -5.00
C PRO A 231 6.09 7.47 -5.82
N GLN A 232 6.29 6.36 -5.15
CA GLN A 232 6.42 5.07 -5.82
C GLN A 232 5.46 4.04 -5.23
N ILE A 233 4.54 3.56 -6.06
CA ILE A 233 3.55 2.58 -5.63
C ILE A 233 3.85 1.20 -6.21
N LEU A 234 3.88 0.19 -5.35
CA LEU A 234 4.12 -1.18 -5.77
C LEU A 234 2.82 -1.99 -5.86
N ILE A 235 2.57 -2.53 -7.04
CA ILE A 235 1.46 -3.46 -7.23
C ILE A 235 2.03 -4.80 -7.70
N ASN A 236 2.24 -5.70 -6.76
CA ASN A 236 2.91 -6.96 -7.05
C ASN A 236 2.46 -8.04 -6.08
N ARG A 237 2.69 -9.30 -6.40
CA ARG A 237 2.27 -10.40 -5.54
C ARG A 237 3.17 -10.53 -4.33
N GLU A 238 4.44 -10.22 -4.51
CA GLU A 238 5.40 -10.29 -3.42
C GLU A 238 6.01 -8.92 -3.17
N PRO A 239 6.35 -8.62 -1.91
CA PRO A 239 7.05 -7.38 -1.58
C PRO A 239 8.45 -7.40 -2.16
N LEU A 240 9.02 -6.22 -2.36
CA LEU A 240 10.38 -6.11 -2.88
C LEU A 240 11.27 -5.44 -1.84
N PRO A 241 11.93 -6.25 -1.00
CA PRO A 241 12.76 -5.79 0.11
C PRO A 241 13.94 -4.92 -0.31
N HIS A 242 14.46 -5.14 -1.51
CA HIS A 242 15.61 -4.39 -1.99
C HIS A 242 15.23 -3.00 -2.50
N LEU A 243 13.99 -2.59 -2.26
CA LEU A 243 13.53 -1.26 -2.61
C LEU A 243 12.64 -0.70 -1.49
N HIS A 244 12.42 0.62 -1.52
CA HIS A 244 11.63 1.27 -0.49
C HIS A 244 10.38 1.93 -1.06
N PHE A 245 9.38 1.11 -1.38
CA PHE A 245 8.13 1.62 -1.93
C PHE A 245 7.29 2.32 -0.88
N ASP A 246 6.58 3.38 -1.29
CA ASP A 246 5.73 4.12 -0.38
C ASP A 246 4.46 3.35 -0.05
N VAL A 247 3.86 2.73 -1.07
CA VAL A 247 2.65 1.93 -0.88
C VAL A 247 2.84 0.52 -1.39
N GLU A 248 2.56 -0.47 -0.54
CA GLU A 248 2.67 -1.86 -0.95
C GLU A 248 1.29 -2.50 -1.11
N LEU A 249 0.83 -2.58 -2.35
CA LEU A 249 -0.40 -3.28 -2.68
C LEU A 249 -0.05 -4.69 -3.13
N LEU A 250 -0.18 -5.66 -2.23
CA LEU A 250 0.24 -7.02 -2.50
C LEU A 250 -0.93 -7.95 -2.85
N GLY A 251 -0.79 -8.64 -3.98
CA GLY A 251 -1.82 -9.54 -4.45
C GLY A 251 -1.82 -9.65 -5.96
N ASP A 252 -2.78 -10.39 -6.51
CA ASP A 252 -2.93 -10.53 -7.95
C ASP A 252 -3.14 -9.17 -8.59
N CYS A 253 -2.41 -8.91 -9.68
CA CYS A 253 -2.42 -7.61 -10.34
C CYS A 253 -3.77 -7.22 -10.91
N ASP A 254 -4.47 -8.19 -11.51
CA ASP A 254 -5.80 -7.93 -12.05
C ASP A 254 -6.78 -7.56 -10.94
N VAL A 255 -6.64 -8.23 -9.80
CA VAL A 255 -7.50 -7.96 -8.64
C VAL A 255 -7.27 -6.55 -8.10
N ILE A 256 -6.00 -6.19 -7.90
CA ILE A 256 -5.66 -4.89 -7.34
C ILE A 256 -6.00 -3.74 -8.28
N ILE A 257 -5.74 -3.93 -9.57
CA ILE A 257 -6.09 -2.93 -10.57
C ILE A 257 -7.60 -2.74 -10.63
N ASN A 258 -8.34 -3.85 -10.53
CA ASN A 258 -9.80 -3.80 -10.52
C ASN A 258 -10.33 -2.99 -9.34
N GLU A 259 -9.68 -3.16 -8.20
CA GLU A 259 -10.04 -2.41 -6.99
C GLU A 259 -9.77 -0.92 -7.19
N LEU A 260 -8.63 -0.60 -7.79
CA LEU A 260 -8.26 0.80 -8.05
C LEU A 260 -9.21 1.44 -9.06
N CYS A 261 -9.61 0.68 -10.07
CA CYS A 261 -10.55 1.18 -11.07
C CYS A 261 -11.90 1.51 -10.43
N HIS A 262 -12.30 0.69 -9.47
CA HIS A 262 -13.55 0.89 -8.73
C HIS A 262 -13.49 2.18 -7.94
N ARG A 263 -12.34 2.45 -7.32
CA ARG A 263 -12.17 3.64 -6.51
C ARG A 263 -11.98 4.90 -7.34
N LEU A 264 -11.47 4.73 -8.56
CA LEU A 264 -11.24 5.87 -9.45
C LEU A 264 -12.53 6.35 -10.09
N GLY A 265 -13.45 5.43 -10.35
CA GLY A 265 -14.70 5.75 -10.99
C GLY A 265 -14.49 6.25 -12.42
N GLY A 266 -15.51 6.92 -12.96
CA GLY A 266 -15.43 7.46 -14.30
C GLY A 266 -15.27 6.38 -15.34
N GLU A 267 -14.35 6.60 -16.28
CA GLU A 267 -14.10 5.64 -17.35
C GLU A 267 -13.34 4.41 -16.86
N TYR A 268 -12.65 4.57 -15.73
CA TYR A 268 -11.89 3.47 -15.14
C TYR A 268 -12.81 2.39 -14.59
N ALA A 269 -13.93 2.82 -14.01
CA ALA A 269 -14.90 1.89 -13.42
C ALA A 269 -15.54 1.00 -14.48
N LYS A 270 -15.69 1.53 -15.69
CA LYS A 270 -16.31 0.80 -16.79
C LYS A 270 -15.42 -0.33 -17.33
N LEU A 271 -14.19 -0.41 -16.82
CA LEU A 271 -13.25 -1.43 -17.25
C LEU A 271 -13.48 -2.77 -16.53
N CYS A 272 -14.17 -2.71 -15.40
CA CYS A 272 -14.43 -3.91 -14.60
C CYS A 272 -15.30 -4.91 -15.36
N GLY B 5 -16.12 -3.74 -5.16
CA GLY B 5 -15.31 -3.66 -3.96
C GLY B 5 -14.64 -4.99 -3.63
N SER B 6 -13.43 -4.93 -3.10
CA SER B 6 -12.66 -6.14 -2.82
C SER B 6 -12.21 -6.22 -1.37
N GLN B 7 -12.05 -7.45 -0.88
CA GLN B 7 -11.56 -7.68 0.47
C GLN B 7 -10.05 -7.48 0.53
N TYR B 8 -9.56 -6.94 1.64
CA TYR B 8 -8.12 -6.78 1.84
C TYR B 8 -7.76 -6.70 3.33
N LEU B 9 -6.50 -7.00 3.64
CA LEU B 9 -5.99 -6.83 4.99
C LEU B 9 -5.02 -5.66 5.03
N PHE B 10 -5.25 -4.72 5.92
CA PHE B 10 -4.35 -3.58 6.05
C PHE B 10 -3.30 -3.82 7.13
N LEU B 11 -2.05 -3.87 6.71
CA LEU B 11 -0.93 -4.01 7.64
C LEU B 11 -0.19 -2.67 7.72
N PRO B 12 -0.39 -1.94 8.82
CA PRO B 12 0.24 -0.63 9.04
C PRO B 12 1.75 -0.69 8.86
N PRO B 13 2.35 0.38 8.32
CA PRO B 13 1.63 1.61 7.95
C PRO B 13 1.24 1.68 6.47
N ASN B 14 1.73 0.75 5.64
CA ASN B 14 1.56 0.91 4.20
C ASN B 14 1.40 -0.38 3.40
N ARG B 15 1.01 -1.46 4.06
CA ARG B 15 0.89 -2.74 3.35
C ARG B 15 -0.55 -3.25 3.27
N TYR B 16 -0.94 -3.69 2.08
CA TYR B 16 -2.27 -4.22 1.83
C TYR B 16 -2.18 -5.62 1.24
N ILE B 17 -2.86 -6.57 1.88
CA ILE B 17 -2.88 -7.94 1.38
C ILE B 17 -4.19 -8.27 0.69
N PHE B 18 -4.13 -8.44 -0.63
CA PHE B 18 -5.30 -8.81 -1.41
C PHE B 18 -5.26 -10.29 -1.75
N HIS B 19 -6.27 -10.76 -2.48
CA HIS B 19 -6.29 -12.13 -2.97
C HIS B 19 -5.11 -12.38 -3.89
N GLY B 20 -4.41 -13.48 -3.68
CA GLY B 20 -3.29 -13.87 -4.54
C GLY B 20 -1.94 -13.38 -4.06
N ALA B 21 -1.91 -12.75 -2.89
CA ALA B 21 -0.66 -12.26 -2.32
C ALA B 21 0.27 -13.42 -1.95
N GLU B 22 1.57 -13.20 -2.11
CA GLU B 22 2.56 -14.23 -1.79
C GLU B 22 3.60 -13.71 -0.80
N VAL B 23 3.24 -13.66 0.47
CA VAL B 23 4.15 -13.22 1.52
C VAL B 23 4.43 -14.36 2.49
N TYR B 24 5.70 -14.69 2.65
CA TYR B 24 6.09 -15.81 3.52
C TYR B 24 7.19 -15.41 4.50
N SER B 25 7.79 -16.41 5.14
CA SER B 25 8.85 -16.18 6.11
C SER B 25 9.77 -17.39 6.24
N MET C 4 -38.28 -0.92 9.59
CA MET C 4 -36.87 -1.28 9.58
C MET C 4 -36.03 -0.16 8.94
N ARG C 5 -35.05 0.34 9.68
CA ARG C 5 -34.15 1.37 9.17
C ARG C 5 -33.20 0.79 8.12
N LYS C 6 -33.30 1.29 6.90
CA LYS C 6 -32.41 0.80 5.83
C LYS C 6 -31.07 1.52 5.88
N LYS C 7 -30.03 0.85 5.37
CA LYS C 7 -28.68 1.40 5.38
C LYS C 7 -28.51 2.49 4.33
N ARG C 8 -27.93 3.61 4.74
CA ARG C 8 -27.60 4.68 3.81
C ARG C 8 -26.43 4.24 2.92
N LYS C 9 -26.58 4.43 1.62
CA LYS C 9 -25.59 3.95 0.66
C LYS C 9 -24.38 4.89 0.56
N ASP C 10 -24.51 6.09 1.09
CA ASP C 10 -23.45 7.10 0.96
C ASP C 10 -22.52 7.12 2.18
N ILE C 11 -22.76 6.21 3.13
CA ILE C 11 -21.93 6.11 4.33
C ILE C 11 -21.44 4.69 4.51
N ASN C 12 -20.14 4.47 4.31
CA ASN C 12 -19.57 3.13 4.33
C ASN C 12 -18.22 3.03 5.02
N THR C 13 -17.29 3.91 4.64
CA THR C 13 -15.91 3.81 5.11
C THR C 13 -15.72 4.35 6.52
N ILE C 14 -14.57 4.05 7.11
CA ILE C 14 -14.21 4.59 8.42
C ILE C 14 -13.87 6.07 8.29
N GLU C 15 -13.48 6.48 7.09
CA GLU C 15 -13.26 7.89 6.80
C GLU C 15 -14.57 8.66 6.89
N ASP C 16 -15.64 8.04 6.40
CA ASP C 16 -16.98 8.61 6.51
C ASP C 16 -17.39 8.77 7.97
N ALA C 17 -17.01 7.78 8.78
CA ALA C 17 -17.32 7.81 10.20
C ALA C 17 -16.61 8.98 10.89
N VAL C 18 -15.35 9.19 10.54
CA VAL C 18 -14.56 10.27 11.10
C VAL C 18 -15.14 11.63 10.72
N LYS C 19 -15.53 11.77 9.45
N LYS C 19 -15.53 11.77 9.47
CA LYS C 19 -16.14 13.01 8.98
CA LYS C 19 -16.14 13.01 8.98
C LYS C 19 -17.45 13.29 9.72
C LYS C 19 -17.46 13.30 9.67
N LEU C 20 -18.22 12.24 9.98
CA LEU C 20 -19.48 12.38 10.71
C LEU C 20 -19.22 12.83 12.14
N LEU C 21 -18.21 12.23 12.77
CA LEU C 21 -17.82 12.61 14.12
C LEU C 21 -17.37 14.06 14.21
N GLN C 22 -16.78 14.56 13.12
CA GLN C 22 -16.25 15.92 13.08
C GLN C 22 -17.33 16.96 12.83
N GLU C 23 -18.37 16.59 12.09
CA GLU C 23 -19.39 17.54 11.67
C GLU C 23 -20.64 17.52 12.53
N CYS C 24 -21.00 16.35 13.06
CA CYS C 24 -22.19 16.23 13.90
C CYS C 24 -21.97 16.86 15.27
N LYS C 25 -23.02 17.49 15.80
CA LYS C 25 -22.92 18.21 17.07
C LYS C 25 -24.03 17.84 18.05
N LYS C 26 -24.82 16.82 17.71
CA LYS C 26 -25.86 16.31 18.60
C LYS C 26 -25.84 14.79 18.61
N ILE C 27 -24.71 14.23 19.02
CA ILE C 27 -24.46 12.79 18.96
C ILE C 27 -25.10 12.04 20.13
N ILE C 28 -25.79 10.95 19.81
CA ILE C 28 -26.27 10.02 20.83
C ILE C 28 -25.39 8.77 20.83
N VAL C 29 -24.91 8.40 22.00
CA VAL C 29 -24.05 7.22 22.11
C VAL C 29 -24.66 6.16 23.02
N LEU C 30 -24.89 4.97 22.46
CA LEU C 30 -25.39 3.84 23.21
C LEU C 30 -24.24 2.95 23.65
N THR C 31 -24.05 2.80 24.95
CA THR C 31 -22.94 2.01 25.47
C THR C 31 -23.39 0.82 26.31
N GLY C 32 -22.83 -0.34 26.01
CA GLY C 32 -23.09 -1.55 26.78
C GLY C 32 -21.87 -1.97 27.55
N ALA C 33 -21.81 -3.25 27.91
CA ALA C 33 -20.72 -3.78 28.74
C ALA C 33 -19.37 -3.72 28.03
N GLY C 34 -19.39 -3.52 26.72
CA GLY C 34 -18.18 -3.50 25.92
C GLY C 34 -17.21 -2.37 26.24
N VAL C 35 -17.73 -1.28 26.79
CA VAL C 35 -16.90 -0.13 27.11
C VAL C 35 -16.28 -0.22 28.51
N SER C 36 -16.60 -1.29 29.22
CA SER C 36 -16.11 -1.47 30.59
C SER C 36 -15.37 -2.78 30.80
N VAL C 37 -15.04 -3.46 29.70
CA VAL C 37 -14.35 -4.75 29.78
C VAL C 37 -12.92 -4.60 30.26
N SER C 38 -12.27 -3.49 29.91
CA SER C 38 -10.87 -3.27 30.23
C SER C 38 -10.68 -2.59 31.57
N CYS C 39 -11.78 -2.34 32.27
CA CYS C 39 -11.72 -1.64 33.54
C CYS C 39 -11.46 -2.61 34.70
N GLY C 40 -11.53 -3.90 34.41
CA GLY C 40 -11.21 -4.92 35.38
C GLY C 40 -12.25 -5.10 36.46
N ILE C 41 -13.52 -4.99 36.08
CA ILE C 41 -14.62 -5.17 37.02
C ILE C 41 -15.08 -6.63 37.05
N PRO C 42 -15.01 -7.26 38.23
CA PRO C 42 -15.44 -8.65 38.42
C PRO C 42 -16.89 -8.85 38.00
N ASP C 43 -17.15 -9.89 37.22
CA ASP C 43 -18.51 -10.18 36.76
C ASP C 43 -19.44 -10.45 37.93
N PHE C 44 -20.71 -10.15 37.74
CA PHE C 44 -21.70 -10.26 38.81
C PHE C 44 -23.02 -10.82 38.31
N ARG C 45 -22.98 -11.54 37.19
CA ARG C 45 -24.19 -12.04 36.57
C ARG C 45 -24.17 -13.54 36.33
N SER C 46 -23.18 -14.24 36.88
CA SER C 46 -23.06 -15.68 36.69
C SER C 46 -22.06 -16.33 37.64
N ARG C 47 -21.87 -17.64 37.46
CA ARG C 47 -20.83 -18.39 38.16
C ARG C 47 -19.80 -18.88 37.14
N ASP C 48 -18.53 -18.61 37.39
CA ASP C 48 -18.07 -17.94 38.61
C ASP C 48 -18.14 -16.42 38.48
N GLY C 49 -18.61 -15.77 39.53
CA GLY C 49 -18.70 -14.32 39.57
C GLY C 49 -18.47 -13.79 40.97
N ILE C 50 -19.26 -12.81 41.37
CA ILE C 50 -19.19 -12.27 42.72
C ILE C 50 -20.13 -13.07 43.62
N TYR C 51 -21.02 -13.83 42.99
CA TYR C 51 -21.98 -14.66 43.71
C TYR C 51 -21.27 -15.78 44.47
N ALA C 52 -20.13 -16.21 43.97
CA ALA C 52 -19.36 -17.28 44.60
C ALA C 52 -18.83 -16.87 45.96
N ARG C 53 -18.26 -15.66 46.04
CA ARG C 53 -17.73 -15.15 47.30
C ARG C 53 -18.85 -14.81 48.27
N LEU C 54 -20.06 -14.66 47.74
CA LEU C 54 -21.23 -14.36 48.56
C LEU C 54 -21.99 -15.63 48.94
N ALA C 55 -21.74 -16.70 48.22
CA ALA C 55 -22.40 -17.98 48.48
C ALA C 55 -21.93 -18.59 49.80
N VAL C 56 -20.69 -18.28 50.18
CA VAL C 56 -20.12 -18.79 51.41
C VAL C 56 -20.49 -17.90 52.60
N ASP C 57 -20.77 -16.63 52.33
CA ASP C 57 -21.13 -15.67 53.38
C ASP C 57 -22.63 -15.67 53.66
N PHE C 58 -23.43 -15.58 52.60
CA PHE C 58 -24.88 -15.56 52.74
C PHE C 58 -25.51 -16.72 51.97
N PRO C 59 -25.59 -17.90 52.60
CA PRO C 59 -26.07 -19.13 51.99
C PRO C 59 -27.59 -19.14 51.76
N ASP C 60 -28.17 -17.98 51.47
CA ASP C 60 -29.61 -17.89 51.23
C ASP C 60 -29.91 -17.48 49.79
N LEU C 61 -28.92 -16.89 49.14
CA LEU C 61 -29.06 -16.45 47.74
C LEU C 61 -29.29 -17.64 46.80
N PRO C 62 -30.48 -17.70 46.18
CA PRO C 62 -30.78 -18.78 45.24
C PRO C 62 -30.09 -18.58 43.89
N ASP C 63 -29.97 -17.33 43.47
CA ASP C 63 -29.35 -17.00 42.19
C ASP C 63 -28.68 -15.62 42.26
N PRO C 64 -27.75 -15.34 41.33
CA PRO C 64 -27.14 -14.00 41.27
C PRO C 64 -28.16 -12.89 41.00
N GLN C 65 -29.34 -13.26 40.53
CA GLN C 65 -30.39 -12.28 40.25
C GLN C 65 -31.21 -11.96 41.50
N ALA C 66 -30.82 -12.54 42.64
CA ALA C 66 -31.52 -12.31 43.89
C ALA C 66 -31.04 -11.02 44.57
N MET C 67 -29.78 -10.66 44.32
CA MET C 67 -29.24 -9.42 44.87
C MET C 67 -29.74 -8.22 44.07
N PHE C 68 -30.33 -8.51 42.91
CA PHE C 68 -30.96 -7.49 42.10
C PHE C 68 -32.48 -7.64 42.12
N ASP C 69 -32.97 -8.38 43.11
CA ASP C 69 -34.40 -8.58 43.29
C ASP C 69 -34.89 -7.72 44.44
N ILE C 70 -35.92 -6.93 44.20
CA ILE C 70 -36.42 -5.98 45.19
C ILE C 70 -37.07 -6.67 46.39
N GLU C 71 -37.69 -7.82 46.15
CA GLU C 71 -38.37 -8.55 47.21
C GLU C 71 -37.40 -9.17 48.21
N TYR C 72 -36.34 -9.80 47.69
CA TYR C 72 -35.32 -10.41 48.53
C TYR C 72 -34.52 -9.32 49.25
N PHE C 73 -34.42 -8.16 48.63
CA PHE C 73 -33.64 -7.06 49.18
C PHE C 73 -34.23 -6.54 50.50
N ARG C 74 -35.55 -6.66 50.64
CA ARG C 74 -36.22 -6.24 51.87
C ARG C 74 -36.03 -7.26 52.99
N LYS C 75 -35.89 -8.52 52.60
CA LYS C 75 -35.60 -9.58 53.57
C LYS C 75 -34.17 -9.45 54.08
N ASP C 76 -33.22 -9.34 53.15
CA ASP C 76 -31.81 -9.24 53.49
C ASP C 76 -31.08 -8.33 52.49
N PRO C 77 -30.89 -7.06 52.87
CA PRO C 77 -30.22 -6.07 52.03
C PRO C 77 -28.70 -6.15 52.14
N ARG C 78 -28.20 -7.07 52.97
CA ARG C 78 -26.77 -7.22 53.20
C ARG C 78 -25.92 -7.69 51.99
N PRO C 79 -26.35 -8.75 51.28
CA PRO C 79 -25.50 -9.21 50.18
C PRO C 79 -25.34 -8.21 49.05
N PHE C 80 -26.32 -7.31 48.88
CA PHE C 80 -26.23 -6.29 47.87
C PHE C 80 -25.22 -5.21 48.25
N PHE C 81 -25.13 -4.93 49.55
CA PHE C 81 -24.26 -3.85 50.04
C PHE C 81 -22.81 -4.25 50.15
N LYS C 82 -22.55 -5.56 50.17
CA LYS C 82 -21.19 -6.06 50.09
C LYS C 82 -20.76 -6.08 48.64
N PHE C 83 -21.72 -6.33 47.76
CA PHE C 83 -21.52 -6.29 46.32
C PHE C 83 -21.35 -4.85 45.83
N ALA C 84 -21.99 -3.92 46.54
CA ALA C 84 -21.98 -2.52 46.15
C ALA C 84 -20.62 -1.86 46.37
N LYS C 85 -19.91 -2.27 47.42
CA LYS C 85 -18.65 -1.62 47.77
C LYS C 85 -17.49 -2.09 46.89
N GLU C 86 -17.78 -2.98 45.95
CA GLU C 86 -16.77 -3.45 45.00
C GLU C 86 -16.77 -2.62 43.72
N ILE C 87 -17.97 -2.32 43.21
CA ILE C 87 -18.10 -1.59 41.95
C ILE C 87 -18.14 -0.07 42.20
N TYR C 88 -18.31 0.31 43.46
CA TYR C 88 -18.49 1.72 43.83
C TYR C 88 -17.41 2.64 43.26
N PRO C 89 -17.84 3.75 42.64
CA PRO C 89 -17.04 4.78 41.98
C PRO C 89 -15.74 5.10 42.69
N GLY C 90 -14.69 5.37 41.91
CA GLY C 90 -13.39 5.72 42.47
C GLY C 90 -12.46 4.54 42.56
N GLN C 91 -13.03 3.34 42.65
CA GLN C 91 -12.23 2.12 42.76
C GLN C 91 -11.80 1.59 41.40
N PHE C 92 -12.43 2.07 40.34
CA PHE C 92 -12.08 1.65 38.99
C PHE C 92 -11.80 2.85 38.08
N GLN C 93 -10.99 2.62 37.05
CA GLN C 93 -10.63 3.66 36.11
C GLN C 93 -11.47 3.57 34.84
N PRO C 94 -12.05 4.70 34.42
CA PRO C 94 -12.87 4.77 33.20
C PRO C 94 -12.04 4.42 31.97
N SER C 95 -12.62 3.66 31.05
CA SER C 95 -11.91 3.23 29.85
C SER C 95 -11.70 4.41 28.89
N LEU C 96 -10.98 4.16 27.80
CA LEU C 96 -10.76 5.17 26.77
C LEU C 96 -12.08 5.55 26.12
N CYS C 97 -13.00 4.59 26.07
CA CYS C 97 -14.33 4.82 25.53
C CYS C 97 -15.06 5.91 26.33
N HIS C 98 -15.04 5.77 27.65
CA HIS C 98 -15.66 6.75 28.54
C HIS C 98 -15.02 8.11 28.38
N LYS C 99 -13.69 8.14 28.24
CA LYS C 99 -12.96 9.39 28.09
C LYS C 99 -13.26 10.05 26.75
N PHE C 100 -13.56 9.23 25.74
CA PHE C 100 -13.94 9.75 24.43
C PHE C 100 -15.31 10.40 24.49
N ILE C 101 -16.20 9.81 25.27
CA ILE C 101 -17.56 10.32 25.41
C ILE C 101 -17.57 11.57 26.30
N ALA C 102 -16.76 11.55 27.35
CA ALA C 102 -16.67 12.67 28.28
C ALA C 102 -16.10 13.91 27.59
N LEU C 103 -15.12 13.70 26.73
CA LEU C 103 -14.50 14.78 25.99
C LEU C 103 -15.47 15.37 24.97
N SER C 104 -16.27 14.51 24.35
N SER C 104 -16.27 14.51 24.35
CA SER C 104 -17.26 14.95 23.38
CA SER C 104 -17.25 14.96 23.38
C SER C 104 -18.38 15.72 24.06
C SER C 104 -18.37 15.73 24.06
N ASP C 105 -18.60 15.41 25.33
CA ASP C 105 -19.61 16.10 26.13
C ASP C 105 -19.06 17.45 26.57
N LYS C 106 -17.75 17.53 26.73
CA LYS C 106 -17.08 18.77 27.09
C LYS C 106 -17.11 19.75 25.93
N GLU C 107 -17.00 19.24 24.71
CA GLU C 107 -17.05 20.08 23.52
C GLU C 107 -18.49 20.34 23.08
N GLY C 108 -19.43 19.77 23.83
CA GLY C 108 -20.85 20.02 23.60
C GLY C 108 -21.43 19.34 22.38
N LYS C 109 -20.77 18.28 21.91
CA LYS C 109 -21.26 17.54 20.76
C LYS C 109 -22.16 16.38 21.17
N LEU C 110 -22.05 15.98 22.43
CA LEU C 110 -22.83 14.87 22.95
C LEU C 110 -24.24 15.29 23.31
N LEU C 111 -25.22 14.70 22.63
CA LEU C 111 -26.62 14.96 22.93
C LEU C 111 -27.04 14.16 24.16
N ARG C 112 -26.62 12.90 24.20
CA ARG C 112 -26.91 12.01 25.33
C ARG C 112 -26.12 10.72 25.25
N ASN C 113 -25.85 10.13 26.40
CA ASN C 113 -25.25 8.80 26.45
C ASN C 113 -26.15 7.83 27.21
N TYR C 114 -26.85 6.98 26.48
CA TYR C 114 -27.68 5.96 27.09
C TYR C 114 -26.88 4.69 27.33
N THR C 115 -26.84 4.25 28.58
CA THR C 115 -26.08 3.07 28.95
C THR C 115 -26.90 2.07 29.76
N GLN C 116 -26.50 0.80 29.67
CA GLN C 116 -27.14 -0.25 30.45
C GLN C 116 -26.26 -0.56 31.66
N ASN C 117 -25.14 0.16 31.76
CA ASN C 117 -24.14 -0.13 32.77
C ASN C 117 -24.40 0.56 34.11
N ILE C 118 -24.32 -0.21 35.18
CA ILE C 118 -24.57 0.30 36.52
C ILE C 118 -23.25 0.57 37.25
N ASP C 119 -22.14 0.53 36.52
CA ASP C 119 -20.82 0.74 37.12
C ASP C 119 -20.50 2.22 37.33
N THR C 120 -21.38 3.09 36.84
CA THR C 120 -21.30 4.53 37.04
C THR C 120 -19.97 5.15 36.62
N LEU C 121 -19.26 4.50 35.71
CA LEU C 121 -17.96 4.99 35.27
C LEU C 121 -18.10 6.29 34.47
N GLU C 122 -19.32 6.57 34.01
CA GLU C 122 -19.60 7.78 33.26
C GLU C 122 -19.46 9.03 34.12
N GLN C 123 -19.88 8.94 35.38
CA GLN C 123 -19.76 10.07 36.30
C GLN C 123 -18.30 10.31 36.68
N VAL C 124 -17.57 9.23 36.93
CA VAL C 124 -16.15 9.31 37.25
C VAL C 124 -15.39 9.90 36.07
N ALA C 125 -15.83 9.58 34.86
CA ALA C 125 -15.21 10.09 33.65
C ALA C 125 -15.57 11.54 33.40
N GLY C 126 -16.62 12.01 34.08
CA GLY C 126 -17.06 13.38 33.92
C GLY C 126 -18.07 13.57 32.81
N ILE C 127 -18.82 12.50 32.52
CA ILE C 127 -19.91 12.61 31.56
C ILE C 127 -21.14 13.17 32.26
N GLN C 128 -21.64 14.30 31.78
CA GLN C 128 -22.76 14.97 32.44
C GLN C 128 -24.11 14.57 31.84
N ARG C 129 -24.14 14.40 30.52
CA ARG C 129 -25.38 14.04 29.84
C ARG C 129 -25.52 12.53 29.71
N ILE C 130 -25.81 11.87 30.83
CA ILE C 130 -25.96 10.42 30.85
C ILE C 130 -27.35 9.99 31.26
N ILE C 131 -27.75 8.80 30.79
CA ILE C 131 -28.98 8.18 31.22
C ILE C 131 -28.70 6.71 31.55
N GLN C 132 -28.64 6.40 32.84
CA GLN C 132 -28.44 5.03 33.28
C GLN C 132 -29.78 4.30 33.26
N CYS C 133 -30.13 3.72 32.11
CA CYS C 133 -31.44 3.10 31.89
C CYS C 133 -31.77 2.02 32.92
N HIS C 134 -30.74 1.42 33.52
CA HIS C 134 -30.94 0.43 34.57
C HIS C 134 -30.45 0.98 35.91
N GLY C 135 -30.21 2.28 35.96
CA GLY C 135 -29.82 2.95 37.19
C GLY C 135 -28.33 2.92 37.47
N SER C 136 -27.92 3.58 38.56
CA SER C 136 -26.51 3.67 38.91
C SER C 136 -26.32 3.98 40.40
N PHE C 137 -25.07 4.05 40.83
CA PHE C 137 -24.73 4.38 42.22
C PHE C 137 -24.47 5.89 42.36
N ALA C 138 -24.78 6.64 41.31
CA ALA C 138 -24.59 8.09 41.32
C ALA C 138 -25.41 8.77 42.41
N THR C 139 -26.59 8.22 42.69
CA THR C 139 -27.43 8.73 43.77
C THR C 139 -28.08 7.57 44.53
N ALA C 140 -28.65 7.85 45.70
CA ALA C 140 -29.32 6.84 46.50
C ALA C 140 -30.62 7.38 47.08
N SER C 141 -31.63 6.53 47.20
CA SER C 141 -32.94 6.98 47.66
C SER C 141 -33.62 5.96 48.58
N CYS C 142 -34.20 6.45 49.66
CA CYS C 142 -34.86 5.60 50.66
C CYS C 142 -36.07 4.87 50.09
N LEU C 143 -36.36 3.70 50.66
CA LEU C 143 -37.50 2.89 50.21
C LEU C 143 -38.83 3.39 50.75
N ILE C 144 -38.78 4.34 51.69
CA ILE C 144 -40.00 4.83 52.32
C ILE C 144 -40.30 6.30 52.02
N CYS C 145 -39.37 7.20 52.35
CA CYS C 145 -39.61 8.62 52.14
C CYS C 145 -38.99 9.14 50.84
N LYS C 146 -38.29 8.27 50.13
CA LYS C 146 -37.71 8.57 48.82
C LYS C 146 -36.75 9.77 48.82
N TYR C 147 -36.08 10.00 49.94
CA TYR C 147 -35.09 11.07 50.03
C TYR C 147 -33.85 10.71 49.22
N LYS C 148 -33.53 11.53 48.22
CA LYS C 148 -32.44 11.22 47.31
C LYS C 148 -31.18 12.04 47.62
N VAL C 149 -30.07 11.34 47.84
CA VAL C 149 -28.80 11.98 48.20
C VAL C 149 -27.74 11.78 47.13
N ASP C 150 -26.59 12.42 47.31
CA ASP C 150 -25.48 12.30 46.36
C ASP C 150 -24.76 10.97 46.56
N CYS C 151 -23.76 10.72 45.72
CA CYS C 151 -23.00 9.47 45.76
C CYS C 151 -22.11 9.37 46.99
N GLU C 152 -21.51 10.49 47.38
CA GLU C 152 -20.56 10.53 48.47
C GLU C 152 -21.22 10.34 49.84
N ALA C 153 -22.51 10.66 49.90
CA ALA C 153 -23.26 10.63 51.16
C ALA C 153 -23.26 9.25 51.83
N VAL C 154 -23.59 8.21 51.06
CA VAL C 154 -23.68 6.86 51.60
C VAL C 154 -22.45 6.02 51.25
N ARG C 155 -21.29 6.65 51.23
N ARG C 155 -21.29 6.64 51.22
CA ARG C 155 -20.05 5.97 50.88
CA ARG C 155 -20.06 5.92 50.88
C ARG C 155 -19.46 5.24 52.08
C ARG C 155 -19.50 5.21 52.10
N GLY C 156 -19.63 5.84 53.27
CA GLY C 156 -19.09 5.28 54.49
C GLY C 156 -19.78 4.01 54.95
N ASP C 157 -21.10 4.00 54.91
CA ASP C 157 -21.89 2.86 55.36
C ASP C 157 -21.63 1.61 54.53
N ILE C 158 -21.60 1.77 53.21
CA ILE C 158 -21.39 0.65 52.30
C ILE C 158 -19.97 0.12 52.39
N PHE C 159 -19.01 1.01 52.58
CA PHE C 159 -17.61 0.63 52.74
C PHE C 159 -17.41 -0.18 54.03
N ASN C 160 -18.18 0.16 55.06
CA ASN C 160 -18.10 -0.52 56.34
C ASN C 160 -19.08 -1.69 56.44
N GLN C 161 -19.68 -2.05 55.30
CA GLN C 161 -20.62 -3.16 55.22
C GLN C 161 -21.81 -3.06 56.18
N VAL C 162 -22.15 -1.82 56.56
CA VAL C 162 -23.31 -1.58 57.40
C VAL C 162 -24.43 -0.91 56.61
N VAL C 163 -25.62 -1.50 56.67
CA VAL C 163 -26.78 -1.01 55.92
C VAL C 163 -27.10 0.45 56.24
N PRO C 164 -26.93 1.34 55.24
CA PRO C 164 -27.13 2.78 55.41
C PRO C 164 -28.56 3.13 55.78
N ARG C 165 -28.72 4.07 56.72
CA ARG C 165 -30.03 4.46 57.21
C ARG C 165 -30.46 5.82 56.66
N CYS C 166 -31.77 6.05 56.62
CA CYS C 166 -32.32 7.33 56.19
C CYS C 166 -32.30 8.33 57.34
N PRO C 167 -31.76 9.54 57.10
CA PRO C 167 -31.66 10.58 58.12
C PRO C 167 -32.96 11.37 58.27
N ARG C 168 -33.99 10.94 57.56
CA ARG C 168 -35.28 11.63 57.56
C ARG C 168 -36.35 10.80 58.26
N CYS C 169 -36.39 9.51 57.95
CA CYS C 169 -37.34 8.59 58.57
C CYS C 169 -36.98 8.33 60.03
N PRO C 170 -37.97 7.87 60.83
CA PRO C 170 -37.72 7.51 62.23
C PRO C 170 -36.61 6.48 62.40
N ALA C 171 -35.94 6.50 63.55
CA ALA C 171 -34.83 5.59 63.81
C ALA C 171 -35.31 4.16 64.12
N ASP C 172 -36.59 4.04 64.46
CA ASP C 172 -37.18 2.74 64.76
C ASP C 172 -38.03 2.23 63.59
N GLU C 173 -37.45 2.26 62.39
CA GLU C 173 -38.16 1.89 61.17
C GLU C 173 -37.52 0.66 60.53
N PRO C 174 -38.35 -0.31 60.10
CA PRO C 174 -37.87 -1.57 59.51
C PRO C 174 -37.21 -1.40 58.13
N LEU C 175 -37.79 -0.58 57.27
CA LEU C 175 -37.30 -0.45 55.89
C LEU C 175 -36.86 0.97 55.54
N ALA C 176 -36.35 1.71 56.52
CA ALA C 176 -35.85 3.05 56.28
C ALA C 176 -34.40 3.00 55.79
N ILE C 177 -34.20 2.35 54.66
CA ILE C 177 -32.86 2.11 54.13
C ILE C 177 -32.60 2.92 52.85
N MET C 178 -31.44 3.57 52.80
CA MET C 178 -31.02 4.31 51.63
C MET C 178 -30.49 3.37 50.55
N LYS C 179 -31.33 3.04 49.58
CA LYS C 179 -30.93 2.17 48.46
C LYS C 179 -30.44 3.00 47.27
N PRO C 180 -29.27 2.62 46.72
CA PRO C 180 -28.68 3.27 45.53
C PRO C 180 -29.63 3.25 44.35
N GLU C 181 -29.42 4.12 43.37
CA GLU C 181 -30.38 4.27 42.28
C GLU C 181 -30.23 3.15 41.26
N ILE C 182 -30.64 1.95 41.66
CA ILE C 182 -30.56 0.77 40.81
C ILE C 182 -31.94 0.21 40.55
N VAL C 183 -32.22 -0.11 39.29
CA VAL C 183 -33.50 -0.68 38.92
C VAL C 183 -33.48 -2.19 39.15
N PHE C 184 -34.04 -2.62 40.28
CA PHE C 184 -34.11 -4.03 40.61
C PHE C 184 -35.18 -4.73 39.77
N PHE C 185 -35.13 -6.07 39.77
CA PHE C 185 -36.13 -6.85 39.05
C PHE C 185 -37.43 -6.84 39.83
N GLY C 186 -38.37 -6.00 39.39
CA GLY C 186 -39.63 -5.83 40.07
C GLY C 186 -40.02 -4.36 40.13
N GLU C 187 -39.08 -3.51 39.73
CA GLU C 187 -39.31 -2.07 39.69
C GLU C 187 -39.50 -1.59 38.26
N ASN C 188 -39.95 -0.34 38.12
CA ASN C 188 -40.16 0.25 36.80
C ASN C 188 -38.93 1.07 36.40
N LEU C 189 -38.75 1.24 35.09
CA LEU C 189 -37.67 2.08 34.57
C LEU C 189 -37.86 3.51 35.07
N PRO C 190 -36.75 4.20 35.37
CA PRO C 190 -36.82 5.60 35.83
C PRO C 190 -37.52 6.47 34.80
N GLU C 191 -38.35 7.40 35.27
CA GLU C 191 -39.10 8.26 34.36
C GLU C 191 -38.17 9.16 33.57
N GLN C 192 -36.99 9.42 34.13
CA GLN C 192 -36.00 10.29 33.49
C GLN C 192 -35.58 9.77 32.12
N PHE C 193 -35.62 8.45 31.95
CA PHE C 193 -35.29 7.84 30.67
C PHE C 193 -36.29 8.20 29.59
N HIS C 194 -37.57 7.94 29.86
CA HIS C 194 -38.64 8.20 28.89
C HIS C 194 -38.69 9.67 28.50
N ARG C 195 -38.44 10.54 29.47
CA ARG C 195 -38.45 11.98 29.24
C ARG C 195 -37.31 12.39 28.31
N ALA C 196 -36.12 11.88 28.58
CA ALA C 196 -34.95 12.18 27.76
C ALA C 196 -35.13 11.69 26.33
N MET C 197 -35.70 10.50 26.19
CA MET C 197 -35.96 9.92 24.87
C MET C 197 -36.86 10.80 24.02
N LYS C 198 -37.87 11.38 24.63
CA LYS C 198 -38.86 12.18 23.91
C LYS C 198 -38.27 13.52 23.46
N TYR C 199 -37.26 14.00 24.19
CA TYR C 199 -36.58 15.24 23.83
C TYR C 199 -35.56 15.02 22.72
N ASP C 200 -34.75 13.98 22.87
CA ASP C 200 -33.63 13.73 21.96
C ASP C 200 -34.05 13.13 20.62
N LYS C 201 -35.22 12.50 20.59
CA LYS C 201 -35.70 11.76 19.42
C LYS C 201 -35.57 12.51 18.10
N ASP C 202 -36.08 13.72 18.05
CA ASP C 202 -36.05 14.52 16.83
C ASP C 202 -34.90 15.52 16.82
N GLU C 203 -33.87 15.22 17.62
CA GLU C 203 -32.74 16.13 17.78
C GLU C 203 -31.43 15.49 17.36
N VAL C 204 -31.35 14.17 17.48
CA VAL C 204 -30.11 13.44 17.19
C VAL C 204 -29.72 13.47 15.71
N ASP C 205 -28.46 13.77 15.43
CA ASP C 205 -27.97 13.81 14.06
C ASP C 205 -26.93 12.73 13.79
N LEU C 206 -26.64 11.92 14.80
CA LEU C 206 -25.69 10.81 14.67
C LEU C 206 -25.85 9.82 15.81
N LEU C 207 -26.04 8.54 15.46
CA LEU C 207 -26.14 7.49 16.47
C LEU C 207 -24.91 6.58 16.44
N ILE C 208 -24.33 6.36 17.60
CA ILE C 208 -23.17 5.48 17.72
C ILE C 208 -23.42 4.44 18.80
N VAL C 209 -23.42 3.18 18.41
CA VAL C 209 -23.59 2.08 19.36
C VAL C 209 -22.23 1.48 19.68
N ILE C 210 -21.86 1.50 20.95
CA ILE C 210 -20.55 1.01 21.37
C ILE C 210 -20.64 -0.09 22.43
N GLY C 211 -20.16 -1.28 22.10
CA GLY C 211 -20.02 -2.36 23.05
C GLY C 211 -21.33 -2.91 23.59
N SER C 212 -22.36 -2.89 22.75
CA SER C 212 -23.66 -3.42 23.16
C SER C 212 -24.20 -4.41 22.13
N SER C 213 -24.85 -5.46 22.63
CA SER C 213 -25.49 -6.45 21.77
C SER C 213 -26.87 -5.96 21.32
N LEU C 214 -27.37 -4.95 22.00
CA LEU C 214 -28.69 -4.39 21.73
C LEU C 214 -29.79 -5.46 21.78
N LYS C 215 -29.76 -6.27 22.83
CA LYS C 215 -30.72 -7.36 22.99
C LYS C 215 -31.72 -7.09 24.12
N VAL C 216 -31.37 -6.21 25.04
CA VAL C 216 -32.22 -5.94 26.19
C VAL C 216 -32.92 -4.57 26.11
N ARG C 217 -34.20 -4.56 26.45
CA ARG C 217 -34.98 -3.31 26.48
C ARG C 217 -34.55 -2.49 27.70
N PRO C 218 -34.69 -1.16 27.62
CA PRO C 218 -35.24 -0.38 26.50
C PRO C 218 -34.18 0.13 25.52
N VAL C 219 -32.91 -0.05 25.85
CA VAL C 219 -31.81 0.46 25.02
C VAL C 219 -31.88 -0.09 23.59
N ALA C 220 -32.24 -1.36 23.46
CA ALA C 220 -32.32 -2.02 22.16
C ALA C 220 -33.32 -1.35 21.21
N LEU C 221 -34.30 -0.63 21.78
CA LEU C 221 -35.34 -0.01 20.97
C LEU C 221 -34.95 1.36 20.43
N ILE C 222 -33.89 1.93 20.99
CA ILE C 222 -33.43 3.26 20.59
C ILE C 222 -33.05 3.45 19.11
N PRO C 223 -32.28 2.51 18.52
CA PRO C 223 -31.89 2.72 17.12
C PRO C 223 -33.05 2.73 16.13
N SER C 224 -34.15 2.07 16.49
N SER C 224 -34.15 2.06 16.48
CA SER C 224 -35.30 1.97 15.60
CA SER C 224 -35.31 1.99 15.58
C SER C 224 -36.38 3.01 15.93
C SER C 224 -36.30 3.12 15.83
N SER C 225 -36.10 3.86 16.92
CA SER C 225 -37.03 4.91 17.31
C SER C 225 -36.64 6.28 16.74
N ILE C 226 -35.37 6.42 16.34
CA ILE C 226 -34.89 7.67 15.76
C ILE C 226 -35.15 7.70 14.25
N PRO C 227 -35.24 8.91 13.67
CA PRO C 227 -35.46 9.06 12.22
C PRO C 227 -34.48 8.25 11.38
N HIS C 228 -34.97 7.68 10.29
CA HIS C 228 -34.16 6.78 9.46
C HIS C 228 -32.98 7.47 8.79
N GLU C 229 -33.09 8.78 8.55
CA GLU C 229 -32.04 9.52 7.88
C GLU C 229 -30.78 9.66 8.74
N VAL C 230 -30.96 9.56 10.05
CA VAL C 230 -29.85 9.69 10.98
C VAL C 230 -28.84 8.55 10.81
N PRO C 231 -27.57 8.91 10.54
CA PRO C 231 -26.49 7.92 10.39
C PRO C 231 -26.27 7.10 11.65
N GLN C 232 -26.05 5.80 11.49
CA GLN C 232 -25.81 4.92 12.62
C GLN C 232 -24.50 4.15 12.46
N ILE C 233 -23.67 4.20 13.49
CA ILE C 233 -22.35 3.57 13.45
C ILE C 233 -22.21 2.56 14.58
N LEU C 234 -21.74 1.36 14.25
CA LEU C 234 -21.56 0.32 15.25
C LEU C 234 -20.10 0.13 15.61
N ILE C 235 -19.82 0.04 16.91
CA ILE C 235 -18.49 -0.29 17.41
C ILE C 235 -18.66 -1.38 18.46
N ASN C 236 -18.41 -2.63 18.05
CA ASN C 236 -18.72 -3.77 18.90
C ASN C 236 -17.81 -4.96 18.56
N ARG C 237 -17.62 -5.86 19.51
CA ARG C 237 -16.78 -7.02 19.28
C ARG C 237 -17.37 -7.97 18.23
N GLU C 238 -18.69 -7.93 18.07
CA GLU C 238 -19.37 -8.79 17.12
C GLU C 238 -20.43 -7.99 16.35
N PRO C 239 -20.71 -8.39 15.10
CA PRO C 239 -21.76 -7.71 14.34
C PRO C 239 -23.14 -8.08 14.88
N LEU C 240 -24.13 -7.22 14.64
CA LEU C 240 -25.48 -7.49 15.10
C LEU C 240 -26.33 -7.97 13.93
N PRO C 241 -26.74 -9.25 13.98
CA PRO C 241 -27.46 -9.90 12.88
C PRO C 241 -28.81 -9.24 12.56
N HIS C 242 -29.43 -8.61 13.55
CA HIS C 242 -30.75 -8.03 13.34
C HIS C 242 -30.70 -6.58 12.85
N LEU C 243 -29.52 -5.96 12.92
CA LEU C 243 -29.39 -4.57 12.51
C LEU C 243 -28.32 -4.38 11.43
N HIS C 244 -28.56 -3.44 10.52
CA HIS C 244 -27.62 -3.18 9.44
C HIS C 244 -27.11 -1.75 9.51
N PHE C 245 -26.08 -1.53 10.33
CA PHE C 245 -25.50 -0.20 10.51
C PHE C 245 -24.81 0.29 9.24
N ASP C 246 -24.68 1.61 9.13
CA ASP C 246 -24.06 2.23 7.97
C ASP C 246 -22.58 1.89 7.89
N VAL C 247 -21.91 1.96 9.04
CA VAL C 247 -20.51 1.58 9.14
C VAL C 247 -20.34 0.65 10.34
N GLU C 248 -19.74 -0.50 10.10
CA GLU C 248 -19.55 -1.48 11.17
C GLU C 248 -18.08 -1.69 11.51
N LEU C 249 -17.67 -1.11 12.64
CA LEU C 249 -16.30 -1.26 13.11
C LEU C 249 -16.27 -2.33 14.19
N LEU C 250 -15.73 -3.50 13.86
CA LEU C 250 -15.77 -4.64 14.75
C LEU C 250 -14.43 -4.96 15.39
N GLY C 251 -14.46 -5.34 16.66
CA GLY C 251 -13.26 -5.68 17.40
C GLY C 251 -13.28 -5.10 18.80
N ASP C 252 -12.11 -5.00 19.42
CA ASP C 252 -12.00 -4.42 20.75
C ASP C 252 -12.39 -2.94 20.71
N CYS C 253 -13.29 -2.55 21.61
CA CYS C 253 -13.84 -1.20 21.62
C CYS C 253 -12.79 -0.12 21.87
N ASP C 254 -11.88 -0.38 22.79
CA ASP C 254 -10.82 0.57 23.10
C ASP C 254 -9.89 0.78 21.90
N VAL C 255 -9.58 -0.32 21.21
CA VAL C 255 -8.70 -0.28 20.04
C VAL C 255 -9.30 0.60 18.94
N ILE C 256 -10.58 0.42 18.68
CA ILE C 256 -11.26 1.16 17.63
C ILE C 256 -11.40 2.65 17.98
N ILE C 257 -11.73 2.94 19.24
CA ILE C 257 -11.80 4.31 19.70
C ILE C 257 -10.43 4.97 19.62
N ASN C 258 -9.39 4.21 19.97
CA ASN C 258 -8.02 4.69 19.88
C ASN C 258 -7.66 5.09 18.45
N GLU C 259 -8.09 4.29 17.47
CA GLU C 259 -7.85 4.58 16.07
C GLU C 259 -8.62 5.82 15.61
N LEU C 260 -9.86 5.95 16.09
CA LEU C 260 -10.70 7.09 15.73
C LEU C 260 -10.16 8.40 16.29
N CYS C 261 -9.66 8.36 17.53
CA CYS C 261 -9.09 9.54 18.17
C CYS C 261 -7.88 10.07 17.40
N HIS C 262 -7.04 9.15 16.94
CA HIS C 262 -5.85 9.52 16.16
C HIS C 262 -6.24 10.21 14.85
N ARG C 263 -7.34 9.80 14.25
CA ARG C 263 -7.79 10.39 13.00
C ARG C 263 -8.48 11.73 13.23
N LEU C 264 -9.08 11.88 14.41
CA LEU C 264 -9.74 13.13 14.77
C LEU C 264 -8.72 14.20 15.11
N GLY C 265 -7.61 13.78 15.69
CA GLY C 265 -6.56 14.70 16.11
C GLY C 265 -7.03 15.58 17.25
N GLY C 266 -6.34 16.71 17.44
CA GLY C 266 -6.73 17.66 18.48
C GLY C 266 -6.69 17.09 19.88
N GLU C 267 -7.71 17.38 20.66
CA GLU C 267 -7.79 16.94 22.05
C GLU C 267 -8.07 15.45 22.15
N TYR C 268 -8.69 14.89 21.12
CA TYR C 268 -9.01 13.46 21.11
C TYR C 268 -7.76 12.61 21.03
N ALA C 269 -6.80 13.03 20.21
CA ALA C 269 -5.55 12.30 20.04
C ALA C 269 -4.73 12.28 21.33
N LYS C 270 -4.92 13.30 22.15
CA LYS C 270 -4.17 13.42 23.41
C LYS C 270 -4.67 12.44 24.48
N LEU C 271 -5.69 11.66 24.14
CA LEU C 271 -6.27 10.71 25.07
C LEU C 271 -5.57 9.35 25.01
N CYS C 272 -4.69 9.19 24.02
CA CYS C 272 -4.01 7.92 23.81
C CYS C 272 -2.77 7.78 24.70
N MET D 4 -0.05 4.78 10.38
CA MET D 4 0.32 4.16 11.66
C MET D 4 -0.91 3.62 12.40
N GLY D 5 -1.11 2.31 12.31
CA GLY D 5 -2.26 1.67 12.93
C GLY D 5 -3.55 2.00 12.20
N SER D 6 -4.52 1.10 12.28
CA SER D 6 -4.37 -0.16 12.99
C SER D 6 -4.67 -1.29 12.03
N GLN D 7 -4.18 -2.49 12.34
CA GLN D 7 -4.41 -3.63 11.48
C GLN D 7 -5.89 -3.98 11.42
N TYR D 8 -6.46 -3.96 10.21
CA TYR D 8 -7.84 -4.36 10.03
C TYR D 8 -8.09 -5.17 8.76
N LEU D 9 -9.10 -6.02 8.79
CA LEU D 9 -9.56 -6.72 7.60
C LEU D 9 -10.82 -6.02 7.09
N PHE D 10 -10.81 -5.61 5.83
CA PHE D 10 -11.96 -4.90 5.28
C PHE D 10 -12.89 -5.82 4.51
N LEU D 11 -14.11 -5.95 4.99
CA LEU D 11 -15.14 -6.70 4.28
C LEU D 11 -16.10 -5.71 3.66
N PRO D 12 -16.03 -5.57 2.32
CA PRO D 12 -16.84 -4.61 1.56
C PRO D 12 -18.33 -4.75 1.85
N PRO D 13 -19.06 -3.63 1.85
CA PRO D 13 -18.49 -2.30 1.60
C PRO D 13 -18.30 -1.48 2.87
N ASN D 14 -18.68 -2.00 4.02
CA ASN D 14 -18.74 -1.18 5.24
C ASN D 14 -18.37 -1.88 6.54
N ARG D 15 -17.63 -2.98 6.47
CA ARG D 15 -17.28 -3.71 7.68
C ARG D 15 -15.77 -3.83 7.89
N TYR D 16 -15.32 -3.47 9.09
CA TYR D 16 -13.92 -3.51 9.44
C TYR D 16 -13.70 -4.44 10.64
N ILE D 17 -12.67 -5.28 10.56
CA ILE D 17 -12.37 -6.20 11.65
C ILE D 17 -10.99 -5.91 12.24
N PHE D 18 -10.99 -5.36 13.45
CA PHE D 18 -9.75 -4.97 14.11
C PHE D 18 -9.20 -6.09 14.99
N HIS D 19 -7.89 -6.31 14.90
CA HIS D 19 -7.22 -7.38 15.64
C HIS D 19 -6.77 -6.92 17.03
N HIS E 3 -0.56 -19.28 -11.56
CA HIS E 3 -0.93 -17.88 -11.38
C HIS E 3 -1.96 -17.63 -10.26
N MET E 4 -3.23 -17.91 -10.51
CA MET E 4 -4.18 -17.84 -9.40
C MET E 4 -5.41 -18.72 -9.55
N ARG E 5 -5.54 -19.63 -8.59
CA ARG E 5 -6.71 -20.48 -8.51
C ARG E 5 -7.91 -19.60 -8.23
N LYS E 6 -8.93 -19.75 -9.05
CA LYS E 6 -10.17 -19.01 -8.85
C LYS E 6 -11.20 -19.87 -8.15
N LYS E 7 -12.05 -19.23 -7.34
CA LYS E 7 -13.06 -19.95 -6.57
C LYS E 7 -14.14 -20.55 -7.47
N ARG E 8 -14.48 -21.81 -7.21
CA ARG E 8 -15.57 -22.47 -7.93
C ARG E 8 -16.91 -21.92 -7.47
N LYS E 9 -17.76 -21.56 -8.43
CA LYS E 9 -19.05 -20.95 -8.13
C LYS E 9 -20.14 -21.98 -7.85
N ASP E 10 -19.78 -23.25 -7.88
CA ASP E 10 -20.75 -24.32 -7.64
C ASP E 10 -20.55 -24.97 -6.27
N ILE E 11 -19.54 -24.48 -5.54
CA ILE E 11 -19.26 -24.98 -4.20
C ILE E 11 -19.19 -23.81 -3.21
N ASN E 12 -20.22 -23.68 -2.38
CA ASN E 12 -20.32 -22.54 -1.47
C ASN E 12 -20.75 -22.91 -0.05
N THR E 13 -21.81 -23.70 0.07
CA THR E 13 -22.41 -23.99 1.37
C THR E 13 -21.65 -25.08 2.12
N ILE E 14 -21.91 -25.17 3.43
CA ILE E 14 -21.30 -26.21 4.26
C ILE E 14 -21.85 -27.58 3.86
N GLU E 15 -23.08 -27.59 3.33
CA GLU E 15 -23.69 -28.81 2.82
C GLU E 15 -22.89 -29.35 1.64
N ASP E 16 -22.38 -28.45 0.81
CA ASP E 16 -21.53 -28.83 -0.31
C ASP E 16 -20.24 -29.45 0.19
N ALA E 17 -19.71 -28.90 1.28
CA ALA E 17 -18.48 -29.41 1.87
C ALA E 17 -18.68 -30.82 2.39
N VAL E 18 -19.86 -31.09 2.94
CA VAL E 18 -20.18 -32.42 3.45
C VAL E 18 -20.26 -33.44 2.32
N LYS E 19 -20.91 -33.07 1.23
N LYS E 19 -20.90 -33.06 1.23
CA LYS E 19 -21.04 -33.94 0.07
CA LYS E 19 -21.04 -33.94 0.07
C LYS E 19 -19.68 -34.31 -0.51
C LYS E 19 -19.69 -34.28 -0.54
N LEU E 20 -18.75 -33.35 -0.50
CA LEU E 20 -17.41 -33.58 -0.99
C LEU E 20 -16.66 -34.56 -0.10
N LEU E 21 -16.94 -34.52 1.19
CA LEU E 21 -16.31 -35.41 2.15
C LEU E 21 -16.81 -36.85 1.99
N GLN E 22 -18.01 -36.99 1.43
CA GLN E 22 -18.63 -38.30 1.24
C GLN E 22 -18.22 -38.94 -0.08
N GLU E 23 -17.97 -38.11 -1.09
CA GLU E 23 -17.72 -38.59 -2.44
C GLU E 23 -16.24 -38.68 -2.81
N CYS E 24 -15.42 -37.81 -2.22
CA CYS E 24 -14.00 -37.81 -2.52
C CYS E 24 -13.26 -38.93 -1.79
N LYS E 25 -12.25 -39.50 -2.45
CA LYS E 25 -11.54 -40.66 -1.91
C LYS E 25 -10.03 -40.46 -1.86
N LYS E 26 -9.57 -39.27 -2.26
CA LYS E 26 -8.15 -38.95 -2.22
C LYS E 26 -7.94 -37.53 -1.67
N ILE E 27 -8.19 -37.37 -0.38
CA ILE E 27 -8.19 -36.05 0.25
C ILE E 27 -6.83 -35.67 0.84
N ILE E 28 -6.40 -34.43 0.58
CA ILE E 28 -5.21 -33.88 1.21
C ILE E 28 -5.62 -32.91 2.32
N VAL E 29 -5.04 -33.08 3.50
CA VAL E 29 -5.35 -32.21 4.63
C VAL E 29 -4.10 -31.50 5.15
N LEU E 30 -4.08 -30.18 5.05
CA LEU E 30 -2.98 -29.39 5.59
C LEU E 30 -3.37 -28.89 6.98
N THR E 31 -2.55 -29.23 7.98
CA THR E 31 -2.84 -28.83 9.34
C THR E 31 -1.76 -27.93 9.94
N GLY E 32 -2.18 -26.99 10.78
CA GLY E 32 -1.27 -26.10 11.46
C GLY E 32 -1.46 -26.17 12.97
N ALA E 33 -1.05 -25.10 13.67
CA ALA E 33 -1.11 -25.08 15.12
C ALA E 33 -2.52 -25.02 15.67
N GLY E 34 -3.50 -24.87 14.77
CA GLY E 34 -4.89 -24.74 15.16
C GLY E 34 -5.55 -26.05 15.56
N VAL E 35 -4.89 -27.17 15.30
CA VAL E 35 -5.46 -28.47 15.61
C VAL E 35 -4.89 -29.06 16.90
N SER E 36 -4.02 -28.31 17.56
CA SER E 36 -3.38 -28.79 18.77
C SER E 36 -3.54 -27.82 19.94
N VAL E 37 -4.33 -26.77 19.74
CA VAL E 37 -4.54 -25.77 20.78
C VAL E 37 -5.30 -26.33 21.98
N SER E 38 -6.15 -27.33 21.72
CA SER E 38 -6.98 -27.92 22.76
C SER E 38 -6.31 -29.12 23.41
N CYS E 39 -5.06 -29.38 23.05
CA CYS E 39 -4.34 -30.55 23.54
C CYS E 39 -3.59 -30.26 24.84
N GLY E 40 -3.48 -28.98 25.19
CA GLY E 40 -2.89 -28.59 26.45
C GLY E 40 -1.39 -28.43 26.41
N ILE E 41 -0.82 -28.44 25.21
CA ILE E 41 0.61 -28.31 25.04
C ILE E 41 1.07 -26.89 25.35
N PRO E 42 1.98 -26.73 26.33
CA PRO E 42 2.51 -25.43 26.72
C PRO E 42 3.23 -24.73 25.58
N ASP E 43 3.33 -23.41 25.66
CA ASP E 43 4.00 -22.62 24.63
C ASP E 43 5.51 -22.89 24.67
N PHE E 44 6.14 -22.93 23.49
CA PHE E 44 7.57 -23.19 23.41
C PHE E 44 8.31 -22.27 22.43
N ARG E 45 7.55 -21.57 21.59
CA ARG E 45 8.16 -20.69 20.60
C ARG E 45 7.93 -19.21 20.88
N SER E 46 7.86 -18.87 22.17
CA SER E 46 7.74 -17.48 22.59
C SER E 46 8.63 -17.22 23.81
N ARG E 47 8.82 -15.95 24.14
CA ARG E 47 9.64 -15.58 25.29
C ARG E 47 8.97 -15.99 26.59
N ASP E 48 7.68 -16.26 26.53
CA ASP E 48 6.97 -16.86 27.64
C ASP E 48 6.60 -18.30 27.28
N GLY E 49 6.58 -19.17 28.27
CA GLY E 49 6.28 -20.57 28.04
C GLY E 49 7.33 -21.49 28.60
N ILE E 50 8.23 -21.96 27.74
CA ILE E 50 9.27 -22.88 28.17
C ILE E 50 10.66 -22.22 28.21
N TYR E 51 10.82 -21.13 27.47
CA TYR E 51 12.08 -20.41 27.48
C TYR E 51 12.34 -19.78 28.85
N ALA E 52 11.26 -19.44 29.55
CA ALA E 52 11.36 -18.84 30.87
C ALA E 52 11.79 -19.87 31.91
N ARG E 53 11.22 -21.07 31.83
CA ARG E 53 11.51 -22.13 32.78
C ARG E 53 12.84 -22.84 32.48
N LEU E 54 13.46 -22.48 31.37
CA LEU E 54 14.76 -23.03 31.01
C LEU E 54 15.88 -22.01 31.22
N ALA E 55 15.49 -20.73 31.28
CA ALA E 55 16.46 -19.66 31.52
C ALA E 55 16.99 -19.72 32.95
N VAL E 56 16.24 -20.37 33.83
CA VAL E 56 16.65 -20.52 35.22
C VAL E 56 17.68 -21.64 35.37
N ASP E 57 17.58 -22.65 34.50
CA ASP E 57 18.49 -23.78 34.54
C ASP E 57 19.70 -23.56 33.63
N PHE E 58 19.45 -23.01 32.46
CA PHE E 58 20.52 -22.77 31.48
C PHE E 58 20.61 -21.29 31.14
N PRO E 59 21.44 -20.55 31.89
CA PRO E 59 21.62 -19.09 31.70
C PRO E 59 22.26 -18.72 30.37
N ASP E 60 22.57 -19.71 29.53
CA ASP E 60 23.26 -19.46 28.27
C ASP E 60 22.30 -19.59 27.08
N LEU E 61 21.05 -19.19 27.30
CA LEU E 61 20.04 -19.22 26.25
C LEU E 61 19.68 -17.80 25.79
N PRO E 62 19.85 -17.52 24.49
CA PRO E 62 19.52 -16.20 23.90
C PRO E 62 18.11 -16.15 23.31
N ASP E 63 17.97 -16.69 22.11
CA ASP E 63 16.69 -16.79 21.44
C ASP E 63 16.08 -18.16 21.74
N PRO E 64 14.75 -18.21 21.94
CA PRO E 64 14.01 -19.46 22.13
C PRO E 64 14.16 -20.39 20.92
N GLN E 65 14.67 -19.85 19.82
CA GLN E 65 14.97 -20.62 18.62
C GLN E 65 16.38 -21.25 18.69
N ALA E 66 17.07 -21.08 19.82
CA ALA E 66 18.39 -21.67 20.00
C ALA E 66 18.29 -23.17 20.20
N MET E 67 17.20 -23.61 20.83
CA MET E 67 16.96 -25.03 21.04
C MET E 67 16.52 -25.67 19.72
N PHE E 68 16.19 -24.83 18.75
CA PHE E 68 15.88 -25.29 17.39
C PHE E 68 17.01 -24.91 16.45
N ASP E 69 18.18 -24.59 17.02
CA ASP E 69 19.35 -24.23 16.23
C ASP E 69 20.38 -25.34 16.27
N ILE E 70 20.83 -25.76 15.09
CA ILE E 70 21.75 -26.90 14.97
C ILE E 70 23.13 -26.62 15.57
N GLU E 71 23.55 -25.36 15.53
CA GLU E 71 24.88 -24.99 16.02
C GLU E 71 24.96 -25.00 17.54
N TYR E 72 23.97 -24.39 18.19
CA TYR E 72 23.94 -24.35 19.65
C TYR E 72 23.66 -25.73 20.22
N PHE E 73 22.99 -26.57 19.43
CA PHE E 73 22.67 -27.92 19.85
C PHE E 73 23.93 -28.76 20.06
N ARG E 74 24.97 -28.45 19.28
CA ARG E 74 26.24 -29.15 19.40
C ARG E 74 27.02 -28.68 20.63
N LYS E 75 26.89 -27.40 20.96
CA LYS E 75 27.53 -26.84 22.14
C LYS E 75 26.87 -27.35 23.41
N ASP E 76 25.54 -27.35 23.42
CA ASP E 76 24.77 -27.80 24.57
C ASP E 76 23.39 -28.29 24.15
N PRO E 77 23.23 -29.62 24.04
CA PRO E 77 21.97 -30.26 23.63
C PRO E 77 21.03 -30.47 24.81
N ARG E 78 21.47 -30.14 26.01
CA ARG E 78 20.66 -30.30 27.22
C ARG E 78 19.30 -29.61 27.21
N PRO E 79 19.24 -28.30 26.87
CA PRO E 79 17.94 -27.62 26.96
C PRO E 79 16.88 -28.19 26.02
N PHE E 80 17.28 -28.66 24.85
CA PHE E 80 16.34 -29.22 23.90
C PHE E 80 15.71 -30.52 24.41
N PHE E 81 16.52 -31.35 25.08
CA PHE E 81 16.05 -32.66 25.54
C PHE E 81 15.20 -32.59 26.81
N LYS E 82 15.36 -31.50 27.56
CA LYS E 82 14.47 -31.27 28.70
C LYS E 82 13.14 -30.80 28.14
N PHE E 83 13.20 -30.07 27.04
CA PHE E 83 12.02 -29.61 26.32
C PHE E 83 11.33 -30.77 25.61
N ALA E 84 12.14 -31.70 25.11
CA ALA E 84 11.64 -32.82 24.31
C ALA E 84 10.77 -33.77 25.13
N LYS E 85 11.11 -33.94 26.40
CA LYS E 85 10.39 -34.89 27.24
C LYS E 85 9.00 -34.40 27.63
N GLU E 86 8.73 -33.12 27.36
CA GLU E 86 7.43 -32.55 27.67
C GLU E 86 6.40 -32.84 26.58
N ILE E 87 6.78 -32.59 25.33
CA ILE E 87 5.86 -32.79 24.20
C ILE E 87 5.92 -34.22 23.69
N TYR E 88 6.62 -35.09 24.41
CA TYR E 88 6.79 -36.47 23.96
C TYR E 88 5.46 -37.19 23.81
N PRO E 89 5.26 -37.85 22.66
CA PRO E 89 4.00 -38.53 22.29
C PRO E 89 3.49 -39.48 23.37
N GLY E 90 2.17 -39.52 23.53
CA GLY E 90 1.55 -40.35 24.55
C GLY E 90 1.28 -39.55 25.81
N GLN E 91 1.93 -38.41 25.94
CA GLN E 91 1.77 -37.56 27.11
C GLN E 91 0.61 -36.58 26.92
N PHE E 92 0.34 -36.22 25.66
CA PHE E 92 -0.80 -35.37 25.33
C PHE E 92 -1.79 -36.12 24.44
N GLN E 93 -3.07 -35.79 24.60
CA GLN E 93 -4.11 -36.43 23.81
C GLN E 93 -4.36 -35.67 22.52
N PRO E 94 -4.40 -36.38 21.38
CA PRO E 94 -4.70 -35.77 20.09
C PRO E 94 -6.11 -35.19 20.08
N SER E 95 -6.28 -34.03 19.46
CA SER E 95 -7.58 -33.36 19.41
C SER E 95 -8.57 -34.09 18.51
N LEU E 96 -9.79 -33.57 18.45
CA LEU E 96 -10.83 -34.15 17.62
C LEU E 96 -10.47 -34.02 16.14
N CYS E 97 -9.69 -32.98 15.82
CA CYS E 97 -9.21 -32.77 14.46
C CYS E 97 -8.30 -33.92 14.03
N HIS E 98 -7.37 -34.30 14.91
CA HIS E 98 -6.47 -35.41 14.64
C HIS E 98 -7.25 -36.71 14.44
N LYS E 99 -8.23 -36.95 15.30
CA LYS E 99 -9.06 -38.15 15.23
C LYS E 99 -9.86 -38.21 13.94
N PHE E 100 -10.30 -37.04 13.45
CA PHE E 100 -11.06 -36.98 12.21
C PHE E 100 -10.20 -37.40 11.02
N ILE E 101 -8.94 -36.95 11.03
CA ILE E 101 -8.02 -37.30 9.96
C ILE E 101 -7.63 -38.78 10.04
N ALA E 102 -7.46 -39.27 11.27
CA ALA E 102 -7.08 -40.67 11.49
C ALA E 102 -8.15 -41.63 10.98
N LEU E 103 -9.41 -41.27 11.18
CA LEU E 103 -10.52 -42.10 10.72
C LEU E 103 -10.64 -42.07 9.20
N SER E 104 -10.35 -40.92 8.60
N SER E 104 -10.35 -40.92 8.60
CA SER E 104 -10.39 -40.77 7.16
CA SER E 104 -10.39 -40.77 7.16
C SER E 104 -9.25 -41.53 6.50
C SER E 104 -9.27 -41.55 6.51
N ASP E 105 -8.19 -41.78 7.26
CA ASP E 105 -7.05 -42.54 6.77
C ASP E 105 -7.35 -44.03 6.86
N LYS E 106 -8.03 -44.41 7.94
CA LYS E 106 -8.42 -45.80 8.16
C LYS E 106 -9.42 -46.26 7.09
N GLU E 107 -10.22 -45.31 6.59
CA GLU E 107 -11.18 -45.60 5.54
C GLU E 107 -10.55 -45.47 4.15
N GLY E 108 -9.28 -45.11 4.13
CA GLY E 108 -8.54 -45.01 2.88
C GLY E 108 -8.98 -43.86 2.00
N LYS E 109 -9.59 -42.85 2.60
CA LYS E 109 -10.03 -41.66 1.86
C LYS E 109 -8.95 -40.59 1.88
N LEU E 110 -8.10 -40.62 2.91
CA LEU E 110 -7.03 -39.65 3.04
C LEU E 110 -5.88 -39.95 2.08
N LEU E 111 -5.45 -38.93 1.35
CA LEU E 111 -4.29 -39.07 0.49
C LEU E 111 -3.02 -38.74 1.26
N ARG E 112 -2.97 -37.54 1.84
CA ARG E 112 -1.82 -37.10 2.61
C ARG E 112 -2.20 -36.09 3.68
N ASN E 113 -1.41 -36.06 4.75
CA ASN E 113 -1.60 -35.08 5.81
C ASN E 113 -0.32 -34.30 6.06
N TYR E 114 -0.14 -33.21 5.31
CA TYR E 114 1.02 -32.35 5.50
C TYR E 114 0.79 -31.45 6.70
N THR E 115 1.81 -31.32 7.55
CA THR E 115 1.69 -30.52 8.77
C THR E 115 2.98 -29.76 9.08
N GLN E 116 2.84 -28.68 9.85
CA GLN E 116 3.97 -27.89 10.30
C GLN E 116 4.22 -28.17 11.77
N ASN E 117 3.41 -29.05 12.35
CA ASN E 117 3.46 -29.34 13.77
C ASN E 117 4.50 -30.39 14.12
N ILE E 118 5.15 -30.21 15.26
CA ILE E 118 6.21 -31.10 15.70
C ILE E 118 5.80 -31.92 16.92
N ASP E 119 4.51 -31.87 17.25
CA ASP E 119 4.00 -32.51 18.47
C ASP E 119 3.70 -33.99 18.28
N THR E 120 3.88 -34.48 17.06
CA THR E 120 3.75 -35.91 16.72
C THR E 120 2.40 -36.51 17.07
N LEU E 121 1.39 -35.66 17.22
CA LEU E 121 0.06 -36.14 17.60
C LEU E 121 -0.61 -36.92 16.48
N GLU E 122 -0.02 -36.87 15.28
CA GLU E 122 -0.54 -37.62 14.15
C GLU E 122 -0.25 -39.11 14.32
N GLN E 123 0.92 -39.44 14.85
CA GLN E 123 1.31 -40.82 15.10
C GLN E 123 0.52 -41.40 16.28
N VAL E 124 0.24 -40.56 17.28
CA VAL E 124 -0.51 -40.99 18.44
C VAL E 124 -1.96 -41.31 18.05
N ALA E 125 -2.49 -40.54 17.11
CA ALA E 125 -3.86 -40.72 16.66
C ALA E 125 -3.99 -41.88 15.67
N GLY E 126 -2.86 -42.41 15.24
CA GLY E 126 -2.86 -43.54 14.32
C GLY E 126 -2.97 -43.11 12.86
N ILE E 127 -2.50 -41.92 12.55
CA ILE E 127 -2.44 -41.46 11.17
C ILE E 127 -1.19 -42.03 10.51
N GLN E 128 -1.37 -42.68 9.36
CA GLN E 128 -0.27 -43.38 8.72
C GLN E 128 0.33 -42.59 7.55
N ARG E 129 -0.53 -41.93 6.80
CA ARG E 129 -0.08 -41.17 5.63
C ARG E 129 0.25 -39.74 5.99
N ILE E 130 1.25 -39.58 6.86
CA ILE E 130 1.66 -38.25 7.34
C ILE E 130 2.91 -37.75 6.64
N ILE E 131 3.03 -36.43 6.56
CA ILE E 131 4.25 -35.77 6.15
C ILE E 131 4.51 -34.60 7.08
N GLN E 132 5.55 -34.72 7.91
CA GLN E 132 5.88 -33.68 8.86
C GLN E 132 7.03 -32.83 8.32
N CYS E 133 6.67 -31.71 7.72
CA CYS E 133 7.63 -30.86 7.00
C CYS E 133 8.77 -30.35 7.88
N HIS E 134 8.44 -29.94 9.10
CA HIS E 134 9.46 -29.50 10.05
C HIS E 134 9.91 -30.68 10.90
N GLY E 135 9.55 -31.88 10.46
CA GLY E 135 9.92 -33.09 11.17
C GLY E 135 9.11 -33.32 12.42
N SER E 136 9.57 -34.26 13.25
CA SER E 136 8.87 -34.60 14.48
C SER E 136 9.76 -35.39 15.43
N PHE E 137 9.13 -36.12 16.35
CA PHE E 137 9.83 -36.99 17.28
C PHE E 137 9.51 -38.43 16.95
N ALA E 138 8.88 -38.65 15.80
CA ALA E 138 8.46 -40.00 15.38
C ALA E 138 9.66 -40.93 15.25
N THR E 139 10.79 -40.38 14.84
CA THR E 139 12.04 -41.14 14.75
C THR E 139 13.21 -40.30 15.24
N ALA E 140 14.33 -40.95 15.52
CA ALA E 140 15.54 -40.26 15.96
C ALA E 140 16.74 -40.73 15.16
N SER E 141 17.75 -39.87 15.02
CA SER E 141 18.91 -40.19 14.19
C SER E 141 20.21 -39.60 14.74
N CYS E 142 21.30 -40.36 14.58
CA CYS E 142 22.61 -39.92 15.04
C CYS E 142 23.14 -38.77 14.18
N LEU E 143 23.76 -37.78 14.82
CA LEU E 143 24.28 -36.61 14.11
C LEU E 143 25.44 -36.95 13.20
N ILE E 144 25.95 -38.17 13.30
CA ILE E 144 27.17 -38.54 12.60
C ILE E 144 26.95 -39.62 11.53
N CYS E 145 26.44 -40.78 11.94
CA CYS E 145 26.24 -41.89 11.01
C CYS E 145 24.80 -41.98 10.53
N LYS E 146 23.94 -41.11 11.04
CA LYS E 146 22.53 -41.04 10.65
C LYS E 146 21.79 -42.36 10.85
N TYR E 147 22.10 -43.06 11.93
CA TYR E 147 21.40 -44.30 12.28
C TYR E 147 20.00 -43.99 12.77
N LYS E 148 19.00 -44.62 12.18
CA LYS E 148 17.60 -44.31 12.47
C LYS E 148 16.96 -45.31 13.43
N VAL E 149 16.38 -44.80 14.51
CA VAL E 149 15.66 -45.63 15.47
C VAL E 149 14.22 -45.16 15.63
N ASP E 150 13.38 -46.00 16.22
CA ASP E 150 11.99 -45.65 16.47
C ASP E 150 11.89 -44.68 17.63
N CYS E 151 10.73 -44.06 17.78
CA CYS E 151 10.48 -43.10 18.86
C CYS E 151 10.63 -43.74 20.23
N GLU E 152 10.22 -45.00 20.33
CA GLU E 152 10.23 -45.73 21.60
C GLU E 152 11.65 -46.12 22.02
N ALA E 153 12.54 -46.25 21.05
CA ALA E 153 13.90 -46.72 21.31
C ALA E 153 14.72 -45.72 22.13
N VAL E 154 14.30 -44.46 22.14
CA VAL E 154 15.01 -43.43 22.88
C VAL E 154 14.11 -42.72 23.88
N ARG E 155 13.14 -43.45 24.42
N ARG E 155 13.13 -43.44 24.41
CA ARG E 155 12.17 -42.88 25.35
CA ARG E 155 12.20 -42.85 25.36
C ARG E 155 12.74 -42.81 26.77
C ARG E 155 12.77 -42.79 26.77
N GLY E 156 13.47 -43.85 27.16
CA GLY E 156 14.04 -43.95 28.49
C GLY E 156 15.07 -42.88 28.81
N ASP E 157 15.96 -42.62 27.85
CA ASP E 157 17.01 -41.62 28.04
C ASP E 157 16.45 -40.21 28.22
N ILE E 158 15.53 -39.84 27.34
CA ILE E 158 14.97 -38.49 27.35
C ILE E 158 14.15 -38.24 28.61
N PHE E 159 13.44 -39.26 29.07
CA PHE E 159 12.62 -39.16 30.28
C PHE E 159 13.49 -38.95 31.52
N ASN E 160 14.66 -39.59 31.54
CA ASN E 160 15.58 -39.46 32.67
C ASN E 160 16.58 -38.33 32.48
N GLN E 161 16.34 -37.51 31.46
CA GLN E 161 17.18 -36.36 31.15
C GLN E 161 18.66 -36.70 30.95
N VAL E 162 18.91 -37.83 30.29
CA VAL E 162 20.27 -38.19 29.89
C VAL E 162 20.37 -38.26 28.37
N VAL E 163 21.34 -37.53 27.82
CA VAL E 163 21.51 -37.43 26.37
C VAL E 163 21.67 -38.79 25.70
N PRO E 164 20.71 -39.18 24.86
CA PRO E 164 20.69 -40.50 24.21
C PRO E 164 21.88 -40.70 23.28
N ARG E 165 22.51 -41.86 23.38
CA ARG E 165 23.74 -42.15 22.64
C ARG E 165 23.49 -43.09 21.46
N CYS E 166 24.36 -42.99 20.46
CA CYS E 166 24.31 -43.88 19.31
C CYS E 166 24.92 -45.24 19.68
N PRO E 167 24.21 -46.33 19.38
CA PRO E 167 24.68 -47.69 19.67
C PRO E 167 25.64 -48.22 18.60
N ARG E 168 26.02 -47.37 17.66
CA ARG E 168 26.92 -47.77 16.58
C ARG E 168 28.25 -47.03 16.65
N CYS E 169 28.21 -45.72 16.81
CA CYS E 169 29.41 -44.90 16.93
C CYS E 169 30.21 -45.28 18.17
N PRO E 170 31.53 -45.04 18.13
CA PRO E 170 32.40 -45.27 19.29
C PRO E 170 31.92 -44.51 20.52
N ALA E 171 32.11 -45.09 21.70
CA ALA E 171 31.63 -44.50 22.94
C ALA E 171 32.42 -43.25 23.33
N ASP E 172 33.62 -43.11 22.78
CA ASP E 172 34.47 -41.96 23.06
C ASP E 172 34.20 -40.79 22.11
N GLU E 173 33.14 -40.93 21.31
CA GLU E 173 32.76 -39.89 20.36
C GLU E 173 31.79 -38.90 21.00
N PRO E 174 32.12 -37.60 20.94
CA PRO E 174 31.33 -36.53 21.57
C PRO E 174 29.92 -36.40 20.99
N LEU E 175 29.82 -36.11 19.70
CA LEU E 175 28.54 -35.81 19.07
C LEU E 175 27.81 -37.06 18.56
N ALA E 176 28.06 -38.20 19.21
CA ALA E 176 27.36 -39.43 18.85
C ALA E 176 26.01 -39.50 19.54
N ILE E 177 25.17 -38.51 19.26
CA ILE E 177 23.89 -38.36 19.94
C ILE E 177 22.70 -38.65 19.04
N MET E 178 21.77 -39.47 19.53
CA MET E 178 20.53 -39.73 18.82
C MET E 178 19.61 -38.51 18.93
N LYS E 179 19.50 -37.77 17.84
CA LYS E 179 18.66 -36.58 17.82
C LYS E 179 17.32 -36.84 17.11
N PRO E 180 16.21 -36.40 17.73
CA PRO E 180 14.88 -36.50 17.15
C PRO E 180 14.81 -35.76 15.82
N GLU E 181 14.07 -36.30 14.86
CA GLU E 181 14.05 -35.75 13.50
C GLU E 181 13.33 -34.41 13.40
N ILE E 182 13.70 -33.46 14.27
CA ILE E 182 13.19 -32.11 14.19
C ILE E 182 14.11 -31.28 13.30
N VAL E 183 13.55 -30.71 12.24
CA VAL E 183 14.33 -29.86 11.34
C VAL E 183 14.77 -28.59 12.06
N PHE E 184 16.02 -28.60 12.54
CA PHE E 184 16.57 -27.43 13.21
C PHE E 184 16.93 -26.35 12.20
N PHE E 185 17.13 -25.13 12.67
CA PHE E 185 17.56 -24.04 11.82
C PHE E 185 19.02 -24.23 11.45
N GLY E 186 19.25 -24.81 10.28
CA GLY E 186 20.60 -25.12 9.83
C GLY E 186 20.61 -26.38 8.98
N GLU E 187 19.46 -27.03 8.92
CA GLU E 187 19.31 -28.23 8.11
C GLU E 187 18.36 -27.96 6.95
N ASN E 188 18.17 -28.95 6.09
CA ASN E 188 17.31 -28.80 4.93
C ASN E 188 16.06 -29.69 5.00
N LEU E 189 15.07 -29.38 4.16
CA LEU E 189 13.82 -30.11 4.16
C LEU E 189 14.00 -31.55 3.69
N PRO E 190 13.30 -32.50 4.33
CA PRO E 190 13.32 -33.92 3.97
C PRO E 190 12.93 -34.15 2.52
N GLU E 191 13.56 -35.12 1.86
CA GLU E 191 13.27 -35.43 0.47
C GLU E 191 11.88 -36.05 0.33
N GLN E 192 11.41 -36.68 1.42
CA GLN E 192 10.12 -37.36 1.42
C GLN E 192 8.98 -36.40 1.11
N PHE E 193 9.14 -35.13 1.47
CA PHE E 193 8.12 -34.12 1.20
C PHE E 193 7.92 -33.85 -0.28
N HIS E 194 9.00 -33.43 -0.95
CA HIS E 194 8.92 -33.01 -2.35
C HIS E 194 8.45 -34.12 -3.29
N ARG E 195 8.99 -35.32 -3.09
CA ARG E 195 8.63 -36.46 -3.93
C ARG E 195 7.16 -36.84 -3.72
N ALA E 196 6.66 -36.61 -2.50
CA ALA E 196 5.26 -36.87 -2.20
C ALA E 196 4.35 -35.90 -2.93
N MET E 197 4.73 -34.62 -2.93
CA MET E 197 3.94 -33.59 -3.60
C MET E 197 3.84 -33.80 -5.11
N LYS E 198 4.93 -34.28 -5.72
CA LYS E 198 4.97 -34.50 -7.16
C LYS E 198 3.99 -35.57 -7.61
N TYR E 199 3.65 -36.47 -6.69
CA TYR E 199 2.71 -37.55 -6.98
C TYR E 199 1.29 -37.19 -6.57
N ASP E 200 1.16 -36.46 -5.47
CA ASP E 200 -0.16 -36.10 -4.95
C ASP E 200 -0.83 -35.00 -5.75
N LYS E 201 -0.03 -34.16 -6.39
CA LYS E 201 -0.54 -32.99 -7.12
C LYS E 201 -1.46 -33.39 -8.28
N ASP E 202 -1.31 -34.61 -8.77
CA ASP E 202 -2.13 -35.08 -9.88
C ASP E 202 -3.17 -36.08 -9.39
N GLU E 203 -3.12 -36.39 -8.10
CA GLU E 203 -3.97 -37.44 -7.53
C GLU E 203 -5.07 -36.88 -6.63
N VAL E 204 -4.83 -35.69 -6.08
CA VAL E 204 -5.77 -35.08 -5.13
C VAL E 204 -7.07 -34.62 -5.78
N ASP E 205 -8.19 -34.88 -5.12
CA ASP E 205 -9.49 -34.44 -5.60
C ASP E 205 -10.24 -33.61 -4.56
N LEU E 206 -9.58 -33.32 -3.45
CA LEU E 206 -10.15 -32.47 -2.40
C LEU E 206 -9.07 -31.96 -1.44
N LEU E 207 -9.02 -30.66 -1.24
CA LEU E 207 -8.05 -30.05 -0.34
C LEU E 207 -8.74 -29.38 0.85
N ILE E 208 -8.27 -29.70 2.05
CA ILE E 208 -8.82 -29.11 3.27
C ILE E 208 -7.70 -28.52 4.12
N VAL E 209 -7.75 -27.21 4.33
CA VAL E 209 -6.78 -26.55 5.19
C VAL E 209 -7.37 -26.36 6.57
N ILE E 210 -6.70 -26.90 7.59
CA ILE E 210 -7.23 -26.86 8.95
C ILE E 210 -6.25 -26.26 9.95
N GLY E 211 -6.62 -25.10 10.51
CA GLY E 211 -5.89 -24.53 11.62
C GLY E 211 -4.51 -23.96 11.29
N SER E 212 -4.35 -23.45 10.09
CA SER E 212 -3.07 -22.86 9.68
C SER E 212 -3.25 -21.53 8.98
N SER E 213 -2.32 -20.61 9.23
CA SER E 213 -2.35 -19.30 8.60
C SER E 213 -1.74 -19.36 7.19
N LEU E 214 -1.04 -20.45 6.90
CA LEU E 214 -0.36 -20.64 5.62
C LEU E 214 0.61 -19.50 5.30
N LYS E 215 1.56 -19.26 6.19
CA LYS E 215 2.52 -18.17 6.02
C LYS E 215 3.96 -18.66 5.98
N VAL E 216 4.15 -19.96 6.20
CA VAL E 216 5.50 -20.53 6.19
C VAL E 216 5.67 -21.60 5.12
N ARG E 217 6.84 -21.62 4.50
CA ARG E 217 7.16 -22.61 3.49
C ARG E 217 7.51 -23.94 4.17
N PRO E 218 7.25 -25.07 3.50
CA PRO E 218 6.69 -25.19 2.15
C PRO E 218 5.20 -25.47 2.13
N VAL E 219 4.58 -25.60 3.30
CA VAL E 219 3.16 -25.93 3.39
C VAL E 219 2.26 -24.86 2.78
N ALA E 220 2.69 -23.60 2.87
CA ALA E 220 1.92 -22.48 2.33
C ALA E 220 1.84 -22.52 0.79
N LEU E 221 2.81 -23.15 0.16
CA LEU E 221 2.88 -23.18 -1.30
C LEU E 221 1.98 -24.26 -1.89
N ILE E 222 1.51 -25.17 -1.04
CA ILE E 222 0.73 -26.31 -1.48
C ILE E 222 -0.60 -26.00 -2.20
N PRO E 223 -1.44 -25.10 -1.64
CA PRO E 223 -2.75 -24.89 -2.29
C PRO E 223 -2.68 -24.26 -3.68
N SER E 224 -1.57 -23.60 -3.98
N SER E 224 -1.58 -23.59 -3.98
CA SER E 224 -1.42 -22.90 -5.25
CA SER E 224 -1.43 -22.92 -5.27
C SER E 224 -0.77 -23.79 -6.33
C SER E 224 -0.87 -23.85 -6.34
N SER E 225 -0.21 -24.92 -5.90
CA SER E 225 0.45 -25.85 -6.83
C SER E 225 -0.38 -27.08 -7.14
N ILE E 226 -1.70 -26.97 -7.05
CA ILE E 226 -2.60 -28.06 -7.42
C ILE E 226 -3.62 -27.55 -8.44
N PRO E 227 -4.18 -28.46 -9.26
CA PRO E 227 -5.17 -28.09 -10.28
C PRO E 227 -6.30 -27.19 -9.74
N HIS E 228 -6.66 -26.18 -10.52
CA HIS E 228 -7.67 -25.20 -10.11
C HIS E 228 -9.05 -25.81 -9.90
N GLU E 229 -9.28 -26.96 -10.51
CA GLU E 229 -10.58 -27.62 -10.40
C GLU E 229 -10.75 -28.36 -9.08
N VAL E 230 -9.63 -28.68 -8.44
CA VAL E 230 -9.66 -29.36 -7.15
C VAL E 230 -10.22 -28.44 -6.07
N PRO E 231 -11.38 -28.81 -5.50
CA PRO E 231 -12.07 -28.01 -4.48
C PRO E 231 -11.23 -27.80 -3.23
N GLN E 232 -11.25 -26.58 -2.70
CA GLN E 232 -10.49 -26.26 -1.49
C GLN E 232 -11.40 -25.76 -0.39
N ILE E 233 -11.23 -26.32 0.81
CA ILE E 233 -12.05 -25.94 1.95
C ILE E 233 -11.17 -25.47 3.11
N LEU E 234 -11.55 -24.35 3.71
CA LEU E 234 -10.80 -23.79 4.82
C LEU E 234 -11.51 -24.00 6.16
N ILE E 235 -10.76 -24.46 7.16
CA ILE E 235 -11.25 -24.55 8.52
C ILE E 235 -10.21 -23.90 9.43
N ASN E 236 -10.44 -22.64 9.78
CA ASN E 236 -9.45 -21.87 10.54
C ASN E 236 -10.13 -20.83 11.41
N ARG E 237 -9.45 -20.39 12.45
CA ARG E 237 -10.02 -19.38 13.36
C ARG E 237 -10.25 -18.04 12.65
N GLU E 238 -9.37 -17.71 11.71
CA GLU E 238 -9.48 -16.48 10.96
C GLU E 238 -9.37 -16.76 9.47
N PRO E 239 -9.98 -15.91 8.64
CA PRO E 239 -9.86 -16.09 7.19
C PRO E 239 -8.47 -15.73 6.71
N LEU E 240 -8.08 -16.23 5.54
CA LEU E 240 -6.78 -15.90 4.97
C LEU E 240 -6.97 -14.90 3.83
N PRO E 241 -6.43 -13.69 4.00
CA PRO E 241 -6.63 -12.61 3.03
C PRO E 241 -6.03 -12.90 1.65
N HIS E 242 -4.95 -13.67 1.60
CA HIS E 242 -4.26 -13.93 0.34
C HIS E 242 -4.87 -15.09 -0.44
N LEU E 243 -5.79 -15.82 0.18
CA LEU E 243 -6.41 -16.97 -0.47
C LEU E 243 -7.94 -16.88 -0.47
N HIS E 244 -8.56 -17.47 -1.48
CA HIS E 244 -10.00 -17.44 -1.60
C HIS E 244 -10.55 -18.86 -1.76
N PHE E 245 -10.74 -19.55 -0.64
CA PHE E 245 -11.24 -20.91 -0.64
C PHE E 245 -12.70 -20.98 -1.11
N ASP E 246 -13.10 -22.16 -1.58
CA ASP E 246 -14.46 -22.36 -2.07
C ASP E 246 -15.46 -22.29 -0.92
N VAL E 247 -15.11 -22.91 0.21
CA VAL E 247 -15.94 -22.84 1.40
C VAL E 247 -15.06 -22.49 2.60
N GLU E 248 -15.42 -21.43 3.30
CA GLU E 248 -14.64 -20.97 4.45
C GLU E 248 -15.41 -21.14 5.75
N LEU E 249 -15.04 -22.16 6.51
CA LEU E 249 -15.63 -22.41 7.81
C LEU E 249 -14.73 -21.81 8.89
N LEU E 250 -15.18 -20.74 9.52
CA LEU E 250 -14.35 -20.02 10.48
C LEU E 250 -14.78 -20.24 11.92
N GLY E 251 -13.80 -20.30 12.81
CA GLY E 251 -14.05 -20.51 14.22
C GLY E 251 -13.11 -21.53 14.83
N ASP E 252 -13.43 -22.01 16.02
CA ASP E 252 -12.65 -23.05 16.68
C ASP E 252 -12.63 -24.32 15.83
N CYS E 253 -11.44 -24.87 15.63
CA CYS E 253 -11.26 -26.03 14.75
C CYS E 253 -12.01 -27.27 15.22
N ASP E 254 -11.93 -27.56 16.52
CA ASP E 254 -12.62 -28.72 17.09
C ASP E 254 -14.14 -28.59 16.97
N VAL E 255 -14.64 -27.37 17.13
CA VAL E 255 -16.07 -27.10 17.02
C VAL E 255 -16.57 -27.36 15.60
N ILE E 256 -15.83 -26.87 14.61
CA ILE E 256 -16.21 -27.01 13.22
C ILE E 256 -16.13 -28.48 12.76
N ILE E 257 -15.09 -29.17 13.20
CA ILE E 257 -14.95 -30.60 12.91
C ILE E 257 -16.10 -31.37 13.53
N ASN E 258 -16.43 -31.04 14.78
CA ASN E 258 -17.52 -31.68 15.48
C ASN E 258 -18.85 -31.61 14.71
N GLU E 259 -19.14 -30.44 14.14
CA GLU E 259 -20.35 -30.26 13.35
C GLU E 259 -20.30 -31.06 12.06
N LEU E 260 -19.12 -31.10 11.45
CA LEU E 260 -18.92 -31.86 10.22
C LEU E 260 -19.11 -33.36 10.45
N CYS E 261 -18.65 -33.83 11.60
CA CYS E 261 -18.78 -35.24 11.95
C CYS E 261 -20.25 -35.65 12.12
N HIS E 262 -21.02 -34.82 12.82
CA HIS E 262 -22.45 -35.08 13.01
C HIS E 262 -23.19 -35.16 11.68
N ARG E 263 -22.82 -34.27 10.76
CA ARG E 263 -23.45 -34.22 9.44
C ARG E 263 -23.05 -35.42 8.58
N LEU E 264 -21.85 -35.95 8.83
CA LEU E 264 -21.37 -37.12 8.12
C LEU E 264 -22.01 -38.39 8.65
N GLY E 265 -22.25 -38.41 9.96
CA GLY E 265 -22.82 -39.57 10.62
C GLY E 265 -21.87 -40.76 10.60
N GLY E 266 -22.42 -41.96 10.74
CA GLY E 266 -21.63 -43.17 10.69
C GLY E 266 -20.53 -43.22 11.74
N GLU E 267 -19.34 -43.61 11.31
CA GLU E 267 -18.21 -43.72 12.21
C GLU E 267 -17.70 -42.35 12.66
N TYR E 268 -17.91 -41.34 11.82
CA TYR E 268 -17.45 -39.99 12.13
C TYR E 268 -18.20 -39.39 13.32
N ALA E 269 -19.50 -39.65 13.38
CA ALA E 269 -20.33 -39.11 14.46
C ALA E 269 -19.98 -39.71 15.81
N LYS E 270 -19.37 -40.89 15.80
CA LYS E 270 -18.98 -41.57 17.03
C LYS E 270 -17.68 -41.01 17.61
N LEU E 271 -17.20 -39.91 17.04
CA LEU E 271 -15.96 -39.29 17.50
C LEU E 271 -16.23 -38.08 18.39
N CYS E 272 -17.47 -37.61 18.39
CA CYS E 272 -17.85 -36.43 19.16
C CYS E 272 -17.86 -36.69 20.66
N PRO F 2 -30.86 -36.40 19.46
CA PRO F 2 -30.08 -36.15 18.24
C PRO F 2 -29.39 -34.79 18.27
N HIS F 3 -28.38 -34.62 17.42
CA HIS F 3 -27.65 -33.36 17.34
C HIS F 3 -28.34 -32.40 16.37
N MET F 4 -28.64 -31.19 16.85
CA MET F 4 -29.45 -30.25 16.09
C MET F 4 -28.65 -29.09 15.50
N GLY F 5 -27.37 -29.30 15.27
CA GLY F 5 -26.53 -28.31 14.62
C GLY F 5 -25.79 -27.39 15.57
N SER F 6 -24.98 -26.49 15.00
CA SER F 6 -24.20 -25.55 15.79
C SER F 6 -24.49 -24.11 15.38
N GLN F 7 -24.34 -23.20 16.33
N GLN F 7 -24.34 -23.20 16.33
CA GLN F 7 -24.58 -21.79 16.07
CA GLN F 7 -24.58 -21.79 16.07
C GLN F 7 -23.51 -21.19 15.16
C GLN F 7 -23.51 -21.19 15.16
N TYR F 8 -23.95 -20.51 14.10
CA TYR F 8 -23.03 -19.86 13.18
C TYR F 8 -23.62 -18.62 12.52
N LEU F 9 -22.76 -17.68 12.13
CA LEU F 9 -23.17 -16.53 11.35
C LEU F 9 -22.79 -16.76 9.90
N PHE F 10 -23.76 -16.68 9.00
CA PHE F 10 -23.48 -16.92 7.59
C PHE F 10 -23.27 -15.62 6.81
N LEU F 11 -22.13 -15.55 6.13
CA LEU F 11 -21.84 -14.41 5.27
C LEU F 11 -21.76 -14.90 3.84
N PRO F 12 -22.71 -14.45 2.99
CA PRO F 12 -22.78 -14.88 1.60
C PRO F 12 -21.48 -14.58 0.85
N PRO F 13 -21.10 -15.45 -0.09
CA PRO F 13 -21.88 -16.65 -0.41
C PRO F 13 -21.31 -17.93 0.21
N ASN F 14 -20.22 -17.84 0.95
CA ASN F 14 -19.52 -19.05 1.38
C ASN F 14 -18.74 -18.97 2.69
N ARG F 15 -19.10 -18.03 3.56
CA ARG F 15 -18.39 -17.88 4.83
CA ARG F 15 -18.40 -17.88 4.84
C ARG F 15 -19.28 -18.22 6.03
N TYR F 16 -18.76 -19.03 6.94
CA TYR F 16 -19.48 -19.44 8.14
C TYR F 16 -18.67 -19.10 9.38
N ILE F 17 -19.26 -18.35 10.29
CA ILE F 17 -18.58 -17.95 11.51
C ILE F 17 -19.14 -18.68 12.73
N PHE F 18 -18.42 -19.71 13.17
CA PHE F 18 -18.86 -20.52 14.31
C PHE F 18 -18.47 -19.90 15.65
N HIS F 19 -19.41 -19.91 16.59
CA HIS F 19 -19.18 -19.31 17.90
C HIS F 19 -18.86 -20.36 18.96
N MET G 4 7.08 24.58 -43.89
CA MET G 4 6.82 25.82 -43.17
C MET G 4 5.46 25.78 -42.47
N ARG G 5 5.46 26.05 -41.17
CA ARG G 5 4.24 25.98 -40.36
C ARG G 5 3.20 27.01 -40.76
N LYS G 6 1.98 26.55 -41.00
CA LYS G 6 0.86 27.44 -41.24
C LYS G 6 0.09 27.66 -39.94
N LYS G 7 -0.46 28.87 -39.77
CA LYS G 7 -1.21 29.20 -38.57
C LYS G 7 -2.49 28.38 -38.45
N ARG G 8 -2.74 27.87 -37.25
CA ARG G 8 -4.00 27.17 -36.97
C ARG G 8 -5.16 28.16 -36.91
N LYS G 9 -6.22 27.85 -37.66
CA LYS G 9 -7.36 28.75 -37.76
C LYS G 9 -8.29 28.66 -36.56
N ASP G 10 -8.12 27.62 -35.75
CA ASP G 10 -9.01 27.38 -34.61
C ASP G 10 -8.47 27.97 -33.31
N ILE G 11 -7.30 28.61 -33.37
CA ILE G 11 -6.72 29.24 -32.20
C ILE G 11 -6.37 30.70 -32.50
N ASN G 12 -7.10 31.62 -31.89
CA ASN G 12 -6.94 33.04 -32.21
C ASN G 12 -6.93 33.97 -30.99
N THR G 13 -7.88 33.77 -30.09
CA THR G 13 -8.12 34.72 -29.02
C THR G 13 -7.20 34.54 -27.81
N ILE G 14 -7.16 35.56 -26.97
CA ILE G 14 -6.44 35.49 -25.71
C ILE G 14 -7.16 34.52 -24.78
N GLU G 15 -8.43 34.29 -25.02
CA GLU G 15 -9.20 33.29 -24.29
C GLU G 15 -8.71 31.90 -24.64
N ASP G 16 -8.47 31.67 -25.94
CA ASP G 16 -7.90 30.42 -26.41
C ASP G 16 -6.53 30.18 -25.76
N ALA G 17 -5.75 31.24 -25.63
CA ALA G 17 -4.42 31.16 -25.03
C ALA G 17 -4.52 30.72 -23.57
N VAL G 18 -5.46 31.30 -22.84
CA VAL G 18 -5.67 30.98 -21.44
C VAL G 18 -6.06 29.52 -21.26
N LYS G 19 -6.96 29.04 -22.11
N LYS G 19 -6.96 29.04 -22.11
CA LYS G 19 -7.39 27.64 -22.06
CA LYS G 19 -7.39 27.64 -22.06
C LYS G 19 -6.23 26.69 -22.36
C LYS G 19 -6.23 26.70 -22.37
N LEU G 20 -5.40 27.07 -23.33
CA LEU G 20 -4.21 26.30 -23.67
C LEU G 20 -3.25 26.26 -22.49
N LEU G 21 -3.13 27.38 -21.79
CA LEU G 21 -2.28 27.45 -20.61
C LEU G 21 -2.77 26.56 -19.48
N GLN G 22 -4.10 26.42 -19.38
CA GLN G 22 -4.70 25.61 -18.33
C GLN G 22 -4.63 24.12 -18.62
N GLU G 23 -4.84 23.75 -19.88
CA GLU G 23 -4.92 22.35 -20.26
C GLU G 23 -3.56 21.70 -20.52
N CYS G 24 -2.66 22.43 -21.17
CA CYS G 24 -1.35 21.89 -21.55
C CYS G 24 -0.45 21.65 -20.34
N LYS G 25 0.41 20.63 -20.44
CA LYS G 25 1.31 20.28 -19.35
C LYS G 25 2.74 20.02 -19.82
N LYS G 26 2.95 20.08 -21.13
CA LYS G 26 4.30 19.94 -21.69
C LYS G 26 4.64 21.19 -22.50
N ILE G 27 4.72 22.32 -21.80
CA ILE G 27 4.93 23.61 -22.41
C ILE G 27 6.41 23.92 -22.58
N ILE G 28 6.77 24.43 -23.75
CA ILE G 28 8.11 24.95 -23.98
C ILE G 28 8.04 26.47 -24.03
N VAL G 29 8.85 27.12 -23.22
CA VAL G 29 8.90 28.57 -23.20
C VAL G 29 10.23 29.09 -23.75
N LEU G 30 10.16 29.85 -24.82
CA LEU G 30 11.34 30.46 -25.44
C LEU G 30 11.47 31.91 -25.00
N THR G 31 12.40 32.18 -24.08
CA THR G 31 12.57 33.54 -23.58
C THR G 31 13.79 34.25 -24.15
N GLY G 32 13.65 35.54 -24.39
CA GLY G 32 14.74 36.38 -24.85
C GLY G 32 15.00 37.51 -23.88
N ALA G 33 15.53 38.62 -24.39
CA ALA G 33 15.88 39.77 -23.57
C ALA G 33 14.68 40.43 -22.91
N GLY G 34 13.50 40.24 -23.50
CA GLY G 34 12.29 40.90 -23.05
C GLY G 34 11.83 40.57 -21.64
N VAL G 35 12.28 39.44 -21.11
CA VAL G 35 11.89 39.03 -19.77
C VAL G 35 12.83 39.56 -18.70
N SER G 36 13.86 40.30 -19.12
CA SER G 36 14.85 40.82 -18.18
C SER G 36 15.02 42.34 -18.29
N VAL G 37 14.24 42.97 -19.17
CA VAL G 37 14.34 44.40 -19.39
C VAL G 37 13.90 45.22 -18.19
N SER G 38 13.18 44.60 -17.27
CA SER G 38 12.67 45.29 -16.09
C SER G 38 13.51 44.99 -14.85
N CYS G 39 14.51 44.14 -15.01
CA CYS G 39 15.35 43.72 -13.89
C CYS G 39 16.46 44.73 -13.61
N GLY G 40 16.57 45.75 -14.46
CA GLY G 40 17.53 46.82 -14.26
C GLY G 40 18.97 46.38 -14.53
N ILE G 41 19.15 45.54 -15.54
CA ILE G 41 20.47 45.07 -15.91
C ILE G 41 21.14 46.02 -16.89
N PRO G 42 22.29 46.58 -16.50
CA PRO G 42 23.08 47.49 -17.37
C PRO G 42 23.49 46.81 -18.67
N ASP G 43 23.46 47.56 -19.76
CA ASP G 43 23.77 47.03 -21.09
C ASP G 43 25.22 46.55 -21.17
N PHE G 44 25.46 45.53 -21.98
CA PHE G 44 26.80 44.99 -22.15
C PHE G 44 27.08 44.61 -23.60
N ARG G 45 26.34 45.22 -24.53
CA ARG G 45 26.50 44.92 -25.94
C ARG G 45 26.81 46.17 -26.77
N SER G 46 26.96 47.30 -26.08
CA SER G 46 27.23 48.57 -26.77
C SER G 46 27.72 49.66 -25.82
N ARG G 47 27.76 50.88 -26.34
CA ARG G 47 28.09 52.07 -25.55
C ARG G 47 27.04 53.13 -25.82
N ASP G 48 26.62 53.88 -24.80
CA ASP G 48 27.17 53.80 -23.44
C ASP G 48 26.53 52.67 -22.62
N GLY G 49 27.24 51.55 -22.52
CA GLY G 49 26.79 50.44 -21.71
C GLY G 49 27.74 50.24 -20.56
N ILE G 50 28.27 49.02 -20.43
CA ILE G 50 29.28 48.74 -19.43
C ILE G 50 30.67 48.89 -20.06
N TYR G 51 30.71 48.84 -21.39
CA TYR G 51 31.95 48.99 -22.13
C TYR G 51 32.59 50.35 -21.91
N ALA G 52 31.75 51.39 -21.87
CA ALA G 52 32.23 52.76 -21.69
C ALA G 52 32.83 52.96 -20.31
N ARG G 53 32.25 52.28 -19.32
CA ARG G 53 32.72 52.39 -17.94
C ARG G 53 33.87 51.42 -17.66
N LEU G 54 34.22 50.62 -18.66
CA LEU G 54 35.35 49.69 -18.54
C LEU G 54 36.54 50.17 -19.36
N ALA G 55 36.28 51.06 -20.30
CA ALA G 55 37.35 51.62 -21.14
C ALA G 55 38.24 52.55 -20.33
N VAL G 56 37.67 53.13 -19.27
CA VAL G 56 38.41 54.03 -18.39
C VAL G 56 39.41 53.23 -17.53
N ASP G 57 39.06 51.99 -17.24
CA ASP G 57 39.91 51.13 -16.41
C ASP G 57 40.80 50.23 -17.28
N PHE G 58 40.33 49.93 -18.48
CA PHE G 58 41.07 49.05 -19.39
C PHE G 58 41.20 49.69 -20.77
N PRO G 59 42.39 50.26 -21.06
CA PRO G 59 42.66 50.91 -22.35
C PRO G 59 42.69 49.92 -23.50
N ASP G 60 42.88 48.64 -23.19
CA ASP G 60 43.01 47.61 -24.21
C ASP G 60 41.69 46.88 -24.45
N LEU G 61 40.69 47.61 -24.93
CA LEU G 61 39.40 47.01 -25.25
C LEU G 61 38.87 47.57 -26.57
N PRO G 62 39.11 46.85 -27.68
CA PRO G 62 38.71 47.28 -29.03
C PRO G 62 37.21 47.43 -29.17
N ASP G 63 36.46 46.43 -28.69
CA ASP G 63 35.01 46.41 -28.83
C ASP G 63 34.38 45.72 -27.62
N PRO G 64 33.07 45.94 -27.40
CA PRO G 64 32.37 45.25 -26.31
C PRO G 64 32.39 43.73 -26.48
N GLN G 65 32.56 43.27 -27.72
CA GLN G 65 32.59 41.85 -28.01
C GLN G 65 33.87 41.18 -27.50
N ALA G 66 34.89 41.99 -27.21
CA ALA G 66 36.18 41.49 -26.78
C ALA G 66 36.13 40.75 -25.44
N MET G 67 35.24 41.21 -24.55
CA MET G 67 35.12 40.58 -23.23
C MET G 67 34.42 39.23 -23.32
N PHE G 68 33.88 38.91 -24.51
CA PHE G 68 33.27 37.62 -24.75
C PHE G 68 34.07 36.84 -25.80
N ASP G 69 35.32 37.23 -25.97
CA ASP G 69 36.21 36.56 -26.92
C ASP G 69 37.19 35.67 -26.18
N ILE G 70 37.28 34.41 -26.60
CA ILE G 70 38.11 33.43 -25.89
C ILE G 70 39.60 33.73 -26.00
N GLU G 71 40.02 34.30 -27.13
CA GLU G 71 41.43 34.62 -27.34
C GLU G 71 41.86 35.82 -26.49
N TYR G 72 41.03 36.85 -26.47
CA TYR G 72 41.30 38.02 -25.66
C TYR G 72 41.22 37.69 -24.18
N PHE G 73 40.36 36.72 -23.84
CA PHE G 73 40.17 36.32 -22.46
C PHE G 73 41.46 35.76 -21.86
N ARG G 74 42.23 35.05 -22.67
CA ARG G 74 43.50 34.49 -22.22
C ARG G 74 44.51 35.58 -21.91
N LYS G 75 44.64 36.55 -22.81
CA LYS G 75 45.58 37.65 -22.64
C LYS G 75 45.26 38.49 -21.40
N ASP G 76 43.98 38.76 -21.19
CA ASP G 76 43.54 39.56 -20.05
C ASP G 76 42.09 39.25 -19.70
N PRO G 77 41.89 38.40 -18.69
CA PRO G 77 40.55 37.99 -18.24
C PRO G 77 39.92 38.98 -17.27
N ARG G 78 40.69 39.99 -16.86
CA ARG G 78 40.25 40.98 -15.89
C ARG G 78 38.96 41.75 -16.23
N PRO G 79 38.83 42.28 -17.46
CA PRO G 79 37.62 43.06 -17.75
C PRO G 79 36.33 42.25 -17.72
N PHE G 80 36.43 40.95 -18.01
CA PHE G 80 35.26 40.09 -17.99
C PHE G 80 34.76 39.87 -16.56
N PHE G 81 35.67 39.64 -15.63
CA PHE G 81 35.29 39.34 -14.25
C PHE G 81 34.85 40.56 -13.47
N LYS G 82 35.05 41.75 -14.04
CA LYS G 82 34.50 42.96 -13.45
C LYS G 82 33.07 43.12 -13.95
N PHE G 83 32.85 42.75 -15.21
CA PHE G 83 31.51 42.73 -15.79
C PHE G 83 30.69 41.62 -15.15
N ALA G 84 31.35 40.49 -14.91
CA ALA G 84 30.69 39.33 -14.33
C ALA G 84 30.18 39.62 -12.93
N LYS G 85 30.89 40.47 -12.20
CA LYS G 85 30.52 40.78 -10.82
C LYS G 85 29.25 41.63 -10.75
N GLU G 86 28.94 42.32 -11.85
CA GLU G 86 27.75 43.17 -11.88
C GLU G 86 26.47 42.39 -12.08
N ILE G 87 26.45 41.48 -13.05
CA ILE G 87 25.25 40.73 -13.37
C ILE G 87 25.23 39.38 -12.65
N TYR G 88 26.18 39.17 -11.74
CA TYR G 88 26.25 37.91 -11.00
C TYR G 88 24.99 37.69 -10.16
N PRO G 89 24.41 36.48 -10.25
CA PRO G 89 23.19 36.03 -9.56
C PRO G 89 23.05 36.60 -8.15
N GLY G 90 21.86 37.09 -7.83
CA GLY G 90 21.61 37.67 -6.52
C GLY G 90 21.67 39.18 -6.54
N GLN G 91 22.22 39.73 -7.63
CA GLN G 91 22.32 41.18 -7.79
C GLN G 91 21.00 41.75 -8.28
N PHE G 92 20.24 40.95 -9.01
CA PHE G 92 18.97 41.40 -9.59
C PHE G 92 17.84 40.42 -9.31
N GLN G 93 16.64 40.96 -9.12
CA GLN G 93 15.47 40.14 -8.86
C GLN G 93 14.78 39.77 -10.17
N PRO G 94 14.43 38.48 -10.32
CA PRO G 94 13.76 37.99 -11.53
C PRO G 94 12.43 38.71 -11.76
N SER G 95 12.06 38.88 -13.03
CA SER G 95 10.83 39.59 -13.37
C SER G 95 9.61 38.70 -13.14
N LEU G 96 8.44 39.23 -13.47
CA LEU G 96 7.19 38.49 -13.32
C LEU G 96 7.18 37.31 -14.29
N CYS G 97 7.80 37.51 -15.45
CA CYS G 97 7.90 36.48 -16.47
C CYS G 97 8.63 35.25 -15.93
N HIS G 98 9.77 35.48 -15.29
CA HIS G 98 10.54 34.40 -14.69
C HIS G 98 9.71 33.65 -13.64
N LYS G 99 9.03 34.40 -12.79
CA LYS G 99 8.21 33.82 -11.72
C LYS G 99 7.08 32.99 -12.31
N PHE G 100 6.52 33.47 -13.42
CA PHE G 100 5.45 32.75 -14.12
C PHE G 100 5.97 31.41 -14.65
N ILE G 101 7.17 31.43 -15.22
CA ILE G 101 7.81 30.23 -15.71
C ILE G 101 8.17 29.32 -14.55
N ALA G 102 8.65 29.92 -13.46
CA ALA G 102 9.03 29.18 -12.27
C ALA G 102 7.83 28.47 -11.65
N LEU G 103 6.70 29.17 -11.59
CA LEU G 103 5.48 28.61 -11.03
C LEU G 103 4.96 27.46 -11.88
N SER G 104 4.90 27.68 -13.19
N SER G 104 4.90 27.67 -13.19
CA SER G 104 4.45 26.66 -14.13
CA SER G 104 4.43 26.64 -14.11
C SER G 104 5.36 25.45 -14.09
C SER G 104 5.36 25.44 -14.10
N ASP G 105 6.61 25.67 -13.68
CA ASP G 105 7.58 24.59 -13.56
C ASP G 105 7.33 23.77 -12.29
N LYS G 106 6.96 24.47 -11.22
CA LYS G 106 6.66 23.81 -9.95
C LYS G 106 5.38 22.98 -10.06
N GLU G 107 4.43 23.45 -10.87
CA GLU G 107 3.17 22.73 -11.07
C GLU G 107 3.31 21.61 -12.10
N GLY G 108 4.51 21.43 -12.64
CA GLY G 108 4.79 20.36 -13.57
C GLY G 108 4.16 20.53 -14.93
N LYS G 109 3.99 21.78 -15.34
CA LYS G 109 3.43 22.09 -16.67
C LYS G 109 4.53 22.50 -17.65
N LEU G 110 5.75 22.67 -17.15
CA LEU G 110 6.84 23.14 -17.98
C LEU G 110 7.73 22.00 -18.46
N LEU G 111 7.74 21.77 -19.77
CA LEU G 111 8.62 20.77 -20.36
C LEU G 111 10.05 21.28 -20.36
N ARG G 112 10.22 22.52 -20.81
CA ARG G 112 11.54 23.13 -20.90
C ARG G 112 11.46 24.64 -21.12
N ASN G 113 12.38 25.37 -20.51
CA ASN G 113 12.56 26.77 -20.84
C ASN G 113 13.89 26.98 -21.56
N TYR G 114 13.82 27.25 -22.86
CA TYR G 114 15.01 27.57 -23.64
C TYR G 114 15.20 29.09 -23.67
N THR G 115 16.36 29.55 -23.24
CA THR G 115 16.63 30.98 -23.18
C THR G 115 17.92 31.39 -23.88
N GLN G 116 17.95 32.63 -24.36
CA GLN G 116 19.12 33.20 -24.98
C GLN G 116 19.94 33.96 -23.94
N ASN G 117 19.28 34.30 -22.84
CA ASN G 117 19.89 35.14 -21.81
C ASN G 117 20.99 34.44 -21.03
N ILE G 118 21.95 35.22 -20.57
CA ILE G 118 23.04 34.70 -19.76
C ILE G 118 23.00 35.29 -18.35
N ASP G 119 21.92 36.01 -18.05
CA ASP G 119 21.80 36.69 -16.76
C ASP G 119 21.50 35.75 -15.60
N THR G 120 21.25 34.48 -15.91
CA THR G 120 21.03 33.42 -14.92
C THR G 120 19.89 33.71 -13.97
N LEU G 121 18.91 34.49 -14.40
CA LEU G 121 17.78 34.82 -13.55
C LEU G 121 16.85 33.62 -13.37
N GLU G 122 16.98 32.64 -14.24
CA GLU G 122 16.19 31.42 -14.14
C GLU G 122 16.53 30.64 -12.87
N GLN G 123 17.82 30.46 -12.63
CA GLN G 123 18.30 29.79 -11.42
C GLN G 123 17.84 30.53 -10.17
N VAL G 124 17.90 31.86 -10.22
CA VAL G 124 17.48 32.71 -9.11
C VAL G 124 15.98 32.57 -8.86
N ALA G 125 15.22 32.48 -9.94
CA ALA G 125 13.76 32.35 -9.85
C ALA G 125 13.35 30.98 -9.33
N GLY G 126 14.18 29.98 -9.61
CA GLY G 126 13.93 28.63 -9.14
C GLY G 126 13.52 27.66 -10.25
N ILE G 127 13.73 28.06 -11.49
CA ILE G 127 13.39 27.21 -12.63
C ILE G 127 14.44 26.13 -12.81
N GLN G 128 14.02 24.88 -12.74
CA GLN G 128 14.96 23.76 -12.84
C GLN G 128 15.11 23.23 -14.25
N ARG G 129 13.99 23.12 -14.96
CA ARG G 129 14.00 22.61 -16.32
C ARG G 129 14.35 23.72 -17.32
N ILE G 130 15.64 24.05 -17.40
CA ILE G 130 16.10 25.10 -18.28
C ILE G 130 17.26 24.69 -19.18
N ILE G 131 17.34 25.35 -20.32
CA ILE G 131 18.48 25.21 -21.21
C ILE G 131 18.97 26.61 -21.56
N GLN G 132 20.18 26.94 -21.11
CA GLN G 132 20.79 28.22 -21.45
C GLN G 132 21.66 28.02 -22.68
N CYS G 133 21.13 28.35 -23.84
CA CYS G 133 21.79 28.09 -25.11
C CYS G 133 23.14 28.80 -25.25
N HIS G 134 23.26 29.99 -24.66
CA HIS G 134 24.51 30.73 -24.69
C HIS G 134 25.29 30.54 -23.38
N GLY G 135 24.80 29.65 -22.54
CA GLY G 135 25.45 29.36 -21.28
C GLY G 135 25.10 30.35 -20.18
N SER G 136 25.56 30.07 -18.97
CA SER G 136 25.24 30.92 -17.83
C SER G 136 26.34 30.88 -16.76
N PHE G 137 26.13 31.61 -15.67
CA PHE G 137 27.06 31.66 -14.55
C PHE G 137 26.71 30.63 -13.50
N ALA G 138 25.81 29.70 -13.85
CA ALA G 138 25.35 28.68 -12.91
C ALA G 138 26.50 27.76 -12.50
N THR G 139 27.43 27.55 -13.41
CA THR G 139 28.60 26.73 -13.14
C THR G 139 29.85 27.34 -13.76
N ALA G 140 31.02 26.92 -13.30
CA ALA G 140 32.28 27.43 -13.82
C ALA G 140 33.28 26.29 -14.07
N SER G 141 33.91 26.32 -15.25
CA SER G 141 34.83 25.26 -15.63
C SER G 141 36.24 25.81 -15.90
N CYS G 142 37.24 25.01 -15.63
CA CYS G 142 38.63 25.39 -15.87
C CYS G 142 38.96 25.31 -17.37
N LEU G 143 39.86 26.18 -17.81
CA LEU G 143 40.22 26.26 -19.22
C LEU G 143 41.16 25.13 -19.65
N ILE G 144 41.66 24.37 -18.68
CA ILE G 144 42.63 23.31 -18.98
C ILE G 144 42.14 21.92 -18.61
N CYS G 145 41.87 21.69 -17.32
CA CYS G 145 41.47 20.38 -16.85
C CYS G 145 39.95 20.19 -16.86
N LYS G 146 39.24 21.23 -17.27
CA LYS G 146 37.78 21.20 -17.38
C LYS G 146 37.08 20.84 -16.05
N TYR G 147 37.73 21.16 -14.94
CA TYR G 147 37.15 20.93 -13.62
C TYR G 147 35.99 21.91 -13.41
N LYS G 148 34.83 21.37 -13.03
CA LYS G 148 33.63 22.20 -12.87
C LYS G 148 33.21 22.35 -11.40
N VAL G 149 32.78 23.56 -11.06
CA VAL G 149 32.29 23.85 -9.70
C VAL G 149 30.91 24.47 -9.75
N ASP G 150 30.41 24.86 -8.58
CA ASP G 150 29.10 25.50 -8.48
C ASP G 150 29.25 27.01 -8.64
N CYS G 151 28.13 27.71 -8.78
CA CYS G 151 28.12 29.16 -8.93
C CYS G 151 28.64 29.86 -7.67
N GLU G 152 28.31 29.29 -6.51
CA GLU G 152 28.68 29.89 -5.23
C GLU G 152 30.16 29.70 -4.91
N ALA G 153 30.77 28.72 -5.56
CA ALA G 153 32.16 28.37 -5.29
C ALA G 153 33.15 29.49 -5.66
N VAL G 154 32.78 30.31 -6.63
CA VAL G 154 33.65 31.39 -7.08
C VAL G 154 33.00 32.76 -6.90
N ARG G 155 32.09 32.86 -5.95
N ARG G 155 32.08 32.87 -5.96
CA ARG G 155 31.36 34.10 -5.70
CA ARG G 155 31.37 34.12 -5.72
C ARG G 155 32.23 35.12 -4.97
C ARG G 155 32.25 35.13 -4.99
N GLY G 156 33.15 34.62 -4.15
CA GLY G 156 34.02 35.47 -3.37
C GLY G 156 35.09 36.17 -4.19
N ASP G 157 35.72 35.43 -5.09
CA ASP G 157 36.80 35.98 -5.91
C ASP G 157 36.30 37.04 -6.89
N ILE G 158 35.20 36.74 -7.57
CA ILE G 158 34.63 37.66 -8.56
C ILE G 158 34.12 38.94 -7.92
N PHE G 159 33.62 38.83 -6.69
CA PHE G 159 33.15 39.99 -5.95
C PHE G 159 34.31 40.92 -5.60
N ASN G 160 35.48 40.33 -5.36
CA ASN G 160 36.68 41.11 -5.01
C ASN G 160 37.54 41.43 -6.23
N GLN G 161 36.99 41.17 -7.42
CA GLN G 161 37.68 41.43 -8.68
C GLN G 161 39.04 40.75 -8.78
N VAL G 162 39.18 39.59 -8.16
CA VAL G 162 40.39 38.79 -8.26
C VAL G 162 40.13 37.51 -9.06
N VAL G 163 40.93 37.30 -10.10
CA VAL G 163 40.78 36.15 -10.98
C VAL G 163 40.86 34.83 -10.21
N PRO G 164 39.77 34.05 -10.24
CA PRO G 164 39.68 32.79 -9.50
C PRO G 164 40.62 31.72 -10.05
N ARG G 165 41.13 30.87 -9.16
CA ARG G 165 42.10 29.86 -9.54
C ARG G 165 41.54 28.44 -9.46
N CYS G 166 42.18 27.51 -10.15
CA CYS G 166 41.76 26.12 -10.14
C CYS G 166 42.47 25.35 -9.02
N PRO G 167 41.68 24.67 -8.17
CA PRO G 167 42.22 23.92 -7.03
C PRO G 167 42.79 22.56 -7.43
N ARG G 168 42.82 22.27 -8.73
CA ARG G 168 43.36 21.00 -9.23
C ARG G 168 44.70 21.20 -9.94
N CYS G 169 44.73 22.10 -10.92
CA CYS G 169 45.94 22.40 -11.66
C CYS G 169 47.00 23.02 -10.76
N PRO G 170 48.29 22.86 -11.13
CA PRO G 170 49.40 23.45 -10.39
C PRO G 170 49.24 24.96 -10.22
N ALA G 171 49.73 25.50 -9.11
CA ALA G 171 49.58 26.92 -8.81
C ALA G 171 50.48 27.81 -9.67
N ASP G 172 51.40 27.18 -10.41
CA ASP G 172 52.29 27.93 -11.29
C ASP G 172 51.84 27.86 -12.75
N GLU G 173 50.53 27.77 -12.96
CA GLU G 173 49.96 27.72 -14.30
C GLU G 173 49.18 28.98 -14.60
N PRO G 174 49.54 29.68 -15.69
CA PRO G 174 48.93 30.95 -16.09
C PRO G 174 47.43 30.83 -16.40
N LEU G 175 47.07 29.86 -17.23
CA LEU G 175 45.69 29.70 -17.67
C LEU G 175 44.91 28.66 -16.86
N ALA G 176 45.27 28.51 -15.59
CA ALA G 176 44.54 27.62 -14.70
C ALA G 176 43.42 28.39 -14.01
N ILE G 177 42.51 28.93 -14.81
CA ILE G 177 41.47 29.81 -14.29
C ILE G 177 40.07 29.24 -14.52
N MET G 178 39.20 29.39 -13.52
CA MET G 178 37.83 28.93 -13.60
C MET G 178 36.93 29.94 -14.33
N LYS G 179 36.70 29.69 -15.61
CA LYS G 179 35.81 30.53 -16.41
C LYS G 179 34.35 30.11 -16.26
N PRO G 180 33.45 31.07 -16.09
CA PRO G 180 32.01 30.78 -16.04
C PRO G 180 31.55 30.07 -17.31
N GLU G 181 30.49 29.27 -17.20
CA GLU G 181 29.99 28.49 -18.33
C GLU G 181 29.27 29.35 -19.37
N ILE G 182 29.93 30.42 -19.81
CA ILE G 182 29.40 31.30 -20.83
C ILE G 182 30.03 30.97 -22.17
N VAL G 183 29.21 30.76 -23.19
CA VAL G 183 29.72 30.47 -24.52
C VAL G 183 30.35 31.71 -25.15
N PHE G 184 31.68 31.75 -25.16
CA PHE G 184 32.39 32.83 -25.81
C PHE G 184 32.42 32.62 -27.32
N PHE G 185 32.81 33.66 -28.05
CA PHE G 185 32.91 33.55 -29.50
C PHE G 185 34.04 32.59 -29.88
N GLY G 186 33.75 31.68 -30.80
CA GLY G 186 34.72 30.68 -31.21
C GLY G 186 34.44 29.35 -30.53
N GLU G 187 33.68 29.38 -29.45
CA GLU G 187 33.31 28.16 -28.73
C GLU G 187 32.02 27.57 -29.28
N ASN G 188 31.81 26.28 -29.07
CA ASN G 188 30.60 25.61 -29.51
C ASN G 188 29.48 25.72 -28.48
N LEU G 189 28.24 25.70 -28.96
CA LEU G 189 27.08 25.67 -28.09
C LEU G 189 27.08 24.38 -27.28
N PRO G 190 26.57 24.43 -26.04
CA PRO G 190 26.58 23.27 -25.15
C PRO G 190 25.86 22.07 -25.77
N GLU G 191 26.35 20.87 -25.50
CA GLU G 191 25.75 19.66 -26.06
C GLU G 191 24.36 19.44 -25.47
N GLN G 192 24.11 20.05 -24.31
CA GLN G 192 22.85 19.90 -23.59
C GLN G 192 21.63 20.30 -24.43
N PHE G 193 21.82 21.28 -25.30
CA PHE G 193 20.73 21.82 -26.12
C PHE G 193 20.14 20.81 -27.11
N HIS G 194 20.95 20.39 -28.07
CA HIS G 194 20.44 19.63 -29.22
C HIS G 194 19.83 18.28 -28.86
N ARG G 195 20.34 17.66 -27.80
CA ARG G 195 19.82 16.35 -27.40
C ARG G 195 18.62 16.48 -26.46
N ALA G 196 18.33 17.69 -26.03
CA ALA G 196 17.11 17.97 -25.28
C ALA G 196 15.99 18.25 -26.27
N MET G 197 16.33 18.90 -27.37
CA MET G 197 15.38 19.18 -28.44
C MET G 197 14.91 17.91 -29.12
N LYS G 198 15.77 16.90 -29.18
CA LYS G 198 15.43 15.64 -29.83
C LYS G 198 14.35 14.92 -29.03
N TYR G 199 14.32 15.18 -27.73
CA TYR G 199 13.30 14.64 -26.86
C TYR G 199 12.06 15.53 -26.86
N ASP G 200 12.28 16.83 -26.66
CA ASP G 200 11.18 17.78 -26.51
C ASP G 200 10.30 17.93 -27.74
N LYS G 201 10.88 17.76 -28.93
CA LYS G 201 10.16 17.96 -30.18
C LYS G 201 8.93 17.08 -30.33
N ASP G 202 8.98 15.89 -29.73
CA ASP G 202 7.88 14.95 -29.82
C ASP G 202 7.10 14.87 -28.52
N GLU G 203 7.29 15.87 -27.67
CA GLU G 203 6.65 15.88 -26.36
C GLU G 203 5.85 17.16 -26.14
N VAL G 204 6.34 18.27 -26.70
CA VAL G 204 5.74 19.58 -26.49
C VAL G 204 4.27 19.64 -26.93
N ASP G 205 3.43 20.28 -26.12
CA ASP G 205 2.02 20.45 -26.47
C ASP G 205 1.63 21.93 -26.61
N LEU G 206 2.56 22.82 -26.28
CA LEU G 206 2.35 24.25 -26.41
C LEU G 206 3.67 25.00 -26.44
N LEU G 207 3.79 25.94 -27.37
CA LEU G 207 5.00 26.75 -27.48
C LEU G 207 4.71 28.21 -27.20
N ILE G 208 5.45 28.78 -26.25
CA ILE G 208 5.29 30.18 -25.90
C ILE G 208 6.61 30.94 -26.04
N VAL G 209 6.61 31.96 -26.88
CA VAL G 209 7.77 32.82 -27.03
C VAL G 209 7.55 34.12 -26.25
N ILE G 210 8.41 34.38 -25.28
CA ILE G 210 8.30 35.59 -24.47
C ILE G 210 9.55 36.46 -24.57
N GLY G 211 9.41 37.63 -25.19
CA GLY G 211 10.47 38.64 -25.19
C GLY G 211 11.65 38.34 -26.09
N SER G 212 11.40 37.66 -27.20
CA SER G 212 12.44 37.41 -28.18
C SER G 212 11.91 37.61 -29.59
N SER G 213 12.73 38.21 -30.44
CA SER G 213 12.34 38.41 -31.84
C SER G 213 12.89 37.28 -32.71
N LEU G 214 13.44 36.27 -32.05
CA LEU G 214 13.90 35.05 -32.73
C LEU G 214 14.85 35.34 -33.88
N LYS G 215 15.92 36.07 -33.58
CA LYS G 215 16.86 36.52 -34.60
C LYS G 215 18.09 35.63 -34.68
N VAL G 216 18.59 35.22 -33.51
CA VAL G 216 19.84 34.46 -33.44
C VAL G 216 19.64 32.97 -33.19
N ARG G 217 20.56 32.16 -33.72
CA ARG G 217 20.56 30.72 -33.51
C ARG G 217 21.02 30.41 -32.08
N PRO G 218 20.62 29.25 -31.53
CA PRO G 218 19.79 28.21 -32.14
C PRO G 218 18.30 28.37 -31.82
N VAL G 219 17.97 29.25 -30.87
CA VAL G 219 16.60 29.43 -30.42
C VAL G 219 15.64 29.73 -31.57
N ALA G 220 16.11 30.50 -32.55
CA ALA G 220 15.29 30.90 -33.68
C ALA G 220 14.81 29.73 -34.54
N LEU G 221 15.43 28.57 -34.37
CA LEU G 221 15.10 27.41 -35.19
C LEU G 221 14.15 26.45 -34.47
N ILE G 222 13.86 26.74 -33.21
CA ILE G 222 12.95 25.90 -32.42
C ILE G 222 11.49 25.88 -32.92
N PRO G 223 10.90 27.05 -33.23
CA PRO G 223 9.51 27.02 -33.69
C PRO G 223 9.27 26.23 -34.98
N SER G 224 10.30 26.11 -35.80
N SER G 224 10.30 26.10 -35.80
CA SER G 224 10.18 25.41 -37.08
CA SER G 224 10.17 25.40 -37.08
C SER G 224 10.45 23.91 -36.94
C SER G 224 10.46 23.91 -36.94
N SER G 225 11.17 23.55 -35.88
CA SER G 225 11.57 22.15 -35.68
C SER G 225 10.54 21.32 -34.90
N ILE G 226 9.48 21.96 -34.43
CA ILE G 226 8.42 21.23 -33.73
C ILE G 226 7.22 21.04 -34.66
N PRO G 227 6.43 19.97 -34.45
CA PRO G 227 5.25 19.66 -35.26
C PRO G 227 4.34 20.87 -35.49
N HIS G 228 3.79 20.97 -36.70
CA HIS G 228 2.97 22.11 -37.09
C HIS G 228 1.69 22.24 -36.29
N GLU G 229 1.17 21.13 -35.77
CA GLU G 229 -0.09 21.14 -35.05
C GLU G 229 0.01 21.77 -33.65
N VAL G 230 1.20 21.73 -33.07
CA VAL G 230 1.41 22.29 -31.74
C VAL G 230 1.20 23.80 -31.75
N PRO G 231 0.26 24.30 -30.91
CA PRO G 231 -0.08 25.72 -30.85
C PRO G 231 1.11 26.58 -30.46
N GLN G 232 1.26 27.73 -31.13
CA GLN G 232 2.35 28.65 -30.82
C GLN G 232 1.81 30.04 -30.47
N ILE G 233 2.21 30.55 -29.33
CA ILE G 233 1.76 31.86 -28.87
C ILE G 233 2.93 32.84 -28.74
N LEU G 234 2.74 34.04 -29.29
CA LEU G 234 3.77 35.07 -29.24
C LEU G 234 3.47 36.13 -28.18
N ILE G 235 4.42 36.31 -27.26
CA ILE G 235 4.36 37.40 -26.30
C ILE G 235 5.60 38.26 -26.48
N ASN G 236 5.45 39.33 -27.25
CA ASN G 236 6.59 40.16 -27.61
C ASN G 236 6.15 41.60 -27.82
N ARG G 237 7.07 42.54 -27.66
CA ARG G 237 6.75 43.95 -27.86
C ARG G 237 6.49 44.24 -29.34
N GLU G 238 7.10 43.44 -30.21
CA GLU G 238 6.90 43.59 -31.65
C GLU G 238 6.46 42.29 -32.31
N PRO G 239 5.66 42.38 -33.38
CA PRO G 239 5.21 41.20 -34.11
C PRO G 239 6.33 40.62 -34.98
N LEU G 240 6.18 39.38 -35.39
CA LEU G 240 7.21 38.70 -36.18
C LEU G 240 6.63 38.14 -37.47
N PRO G 241 6.58 38.98 -38.52
CA PRO G 241 5.99 38.65 -39.83
C PRO G 241 6.61 37.42 -40.49
N HIS G 242 7.89 37.14 -40.23
CA HIS G 242 8.57 36.01 -40.86
C HIS G 242 8.14 34.67 -40.28
N LEU G 243 7.28 34.70 -39.26
CA LEU G 243 6.71 33.50 -38.68
C LEU G 243 5.20 33.56 -38.70
N HIS G 244 4.55 32.50 -38.24
CA HIS G 244 3.09 32.45 -38.26
C HIS G 244 2.53 31.96 -36.92
N PHE G 245 2.55 32.83 -35.91
CA PHE G 245 2.03 32.49 -34.60
C PHE G 245 0.51 32.44 -34.61
N ASP G 246 -0.06 31.61 -33.74
CA ASP G 246 -1.50 31.45 -33.66
C ASP G 246 -2.13 32.63 -32.92
N VAL G 247 -1.47 33.08 -31.85
CA VAL G 247 -1.95 34.24 -31.10
C VAL G 247 -0.82 35.23 -30.88
N GLU G 248 -1.05 36.47 -31.28
CA GLU G 248 -0.05 37.53 -31.11
C GLU G 248 -0.43 38.48 -29.97
N LEU G 249 0.17 38.27 -28.81
CA LEU G 249 0.01 39.19 -27.69
C LEU G 249 1.13 40.21 -27.75
N LEU G 250 0.83 41.40 -28.27
CA LEU G 250 1.85 42.42 -28.47
C LEU G 250 1.87 43.46 -27.37
N GLY G 251 3.06 43.71 -26.82
CA GLY G 251 3.23 44.69 -25.76
C GLY G 251 4.33 44.28 -24.78
N ASP G 252 4.47 45.02 -23.70
CA ASP G 252 5.45 44.72 -22.67
C ASP G 252 5.17 43.34 -22.05
N CYS G 253 6.22 42.56 -21.91
CA CYS G 253 6.10 41.17 -21.45
C CYS G 253 5.52 41.04 -20.04
N ASP G 254 5.97 41.90 -19.13
CA ASP G 254 5.45 41.88 -17.76
C ASP G 254 3.96 42.21 -17.74
N VAL G 255 3.56 43.19 -18.54
CA VAL G 255 2.16 43.59 -18.62
C VAL G 255 1.27 42.45 -19.11
N ILE G 256 1.72 41.77 -20.16
CA ILE G 256 0.95 40.69 -20.76
C ILE G 256 0.89 39.46 -19.84
N ILE G 257 2.02 39.11 -19.24
CA ILE G 257 2.06 37.99 -18.30
C ILE G 257 1.14 38.27 -17.12
N ASN G 258 1.16 39.49 -16.62
CA ASN G 258 0.30 39.90 -15.52
C ASN G 258 -1.18 39.75 -15.88
N GLU G 259 -1.51 40.06 -17.12
CA GLU G 259 -2.87 39.87 -17.63
C GLU G 259 -3.24 38.39 -17.64
N LEU G 260 -2.31 37.57 -18.11
CA LEU G 260 -2.54 36.13 -18.19
C LEU G 260 -2.65 35.49 -16.81
N CYS G 261 -1.80 35.92 -15.88
CA CYS G 261 -1.84 35.42 -14.51
C CYS G 261 -3.17 35.75 -13.85
N HIS G 262 -3.71 36.91 -14.17
CA HIS G 262 -5.01 37.34 -13.65
C HIS G 262 -6.11 36.39 -14.12
N ARG G 263 -6.13 36.11 -15.42
CA ARG G 263 -7.14 35.25 -16.00
C ARG G 263 -6.98 33.79 -15.57
N LEU G 264 -5.75 33.38 -15.31
CA LEU G 264 -5.48 32.02 -14.88
C LEU G 264 -5.96 31.76 -13.46
N GLY G 265 -5.95 32.80 -12.63
CA GLY G 265 -6.38 32.69 -11.25
C GLY G 265 -5.52 31.74 -10.46
N GLY G 266 -6.07 31.25 -9.35
CA GLY G 266 -5.38 30.28 -8.51
C GLY G 266 -4.05 30.79 -7.97
N GLU G 267 -3.00 30.00 -8.14
CA GLU G 267 -1.67 30.37 -7.66
C GLU G 267 -1.00 31.38 -8.59
N TYR G 268 -1.48 31.44 -9.84
CA TYR G 268 -0.94 32.39 -10.80
C TYR G 268 -1.37 33.81 -10.45
N ALA G 269 -2.58 33.94 -9.91
CA ALA G 269 -3.13 35.24 -9.54
C ALA G 269 -2.36 35.87 -8.39
N LYS G 270 -1.81 35.03 -7.52
CA LYS G 270 -1.07 35.51 -6.36
C LYS G 270 0.29 36.09 -6.75
N LEU G 271 0.61 36.01 -8.05
CA LEU G 271 1.83 36.59 -8.58
C LEU G 271 1.57 38.01 -9.09
N CYS G 272 0.30 38.36 -9.24
CA CYS G 272 -0.10 39.65 -9.80
C CYS G 272 0.28 40.83 -8.92
N CYS G 273 0.29 42.01 -9.52
CA CYS G 273 0.62 43.24 -8.83
C CYS G 273 -0.62 44.12 -8.64
N MET H 4 -6.88 44.43 -10.72
CA MET H 4 -7.51 44.89 -11.96
C MET H 4 -6.99 44.06 -13.12
N GLY H 5 -7.69 44.12 -14.25
CA GLY H 5 -7.20 43.54 -15.48
C GLY H 5 -6.36 44.58 -16.18
N SER H 6 -6.18 44.43 -17.48
CA SER H 6 -5.40 45.40 -18.25
C SER H 6 -6.14 45.85 -19.50
N GLN H 7 -5.86 47.07 -19.94
CA GLN H 7 -6.43 47.57 -21.18
C GLN H 7 -5.71 46.97 -22.36
N TYR H 8 -6.46 46.64 -23.41
CA TYR H 8 -5.86 46.14 -24.65
C TYR H 8 -6.77 46.43 -25.83
N LEU H 9 -6.18 46.48 -27.02
CA LEU H 9 -6.95 46.59 -28.26
C LEU H 9 -6.96 45.25 -28.97
N PHE H 10 -8.15 44.80 -29.35
CA PHE H 10 -8.28 43.53 -30.07
C PHE H 10 -8.38 43.76 -31.58
N LEU H 11 -7.39 43.28 -32.31
CA LEU H 11 -7.41 43.37 -33.76
C LEU H 11 -7.60 41.97 -34.35
N PRO H 12 -8.81 41.70 -34.87
CA PRO H 12 -9.16 40.39 -35.44
C PRO H 12 -8.17 39.98 -36.54
N PRO H 13 -7.88 38.68 -36.66
CA PRO H 13 -8.50 37.62 -35.86
C PRO H 13 -7.77 37.28 -34.57
N ASN H 14 -6.50 37.63 -34.45
CA ASN H 14 -5.68 37.13 -33.34
C ASN H 14 -4.64 38.09 -32.77
N ARG H 15 -4.75 39.38 -33.08
CA ARG H 15 -3.78 40.35 -32.57
C ARG H 15 -4.30 41.15 -31.39
N TYR H 16 -3.44 41.31 -30.38
CA TYR H 16 -3.76 42.09 -29.19
C TYR H 16 -2.69 43.12 -28.92
N ILE H 17 -3.09 44.39 -28.85
CA ILE H 17 -2.15 45.47 -28.56
C ILE H 17 -2.30 45.95 -27.12
N PHE H 18 -1.27 45.68 -26.31
CA PHE H 18 -1.23 46.13 -24.93
C PHE H 18 -0.32 47.36 -24.82
N HIS H 19 -0.06 47.80 -23.59
CA HIS H 19 0.88 48.88 -23.36
C HIS H 19 2.30 48.42 -23.69
N GLY H 20 2.97 49.16 -24.57
CA GLY H 20 4.35 48.88 -24.90
C GLY H 20 4.54 48.19 -26.25
N ALA H 21 3.46 48.08 -27.02
CA ALA H 21 3.53 47.42 -28.32
C ALA H 21 4.28 48.28 -29.35
N GLU H 22 5.10 47.62 -30.17
CA GLU H 22 5.86 48.30 -31.20
C GLU H 22 5.40 47.88 -32.60
N VAL H 23 4.26 48.40 -33.02
CA VAL H 23 3.73 48.12 -34.35
C VAL H 23 3.69 49.40 -35.17
N TYR H 24 4.22 49.33 -36.39
CA TYR H 24 4.31 50.52 -37.23
C TYR H 24 3.79 50.28 -38.65
N SER H 25 3.27 51.34 -39.26
CA SER H 25 2.72 51.26 -40.61
C SER H 25 3.55 52.08 -41.59
ZN ZN I . 17.71 -6.89 -46.45
ZN ZN J . -37.16 7.53 54.27
ZN ZN K . 26.23 -42.92 14.92
ZN ZN L . 42.44 23.41 -13.87
#